data_1WUL
#
_entry.id   1WUL
#
_cell.length_a   98.116
_cell.length_b   126.016
_cell.length_c   66.731
_cell.angle_alpha   90.00
_cell.angle_beta   90.00
_cell.angle_gamma   90.00
#
_symmetry.space_group_name_H-M   'P 21 21 21'
#
loop_
_entity.id
_entity.type
_entity.pdbx_description
1 polymer 'Periplasmic [NiFe] hydrogenase small subunit'
2 polymer 'Periplasmic [NiFe] hydrogenase large subunit'
3 non-polymer 'IRON/SULFUR CLUSTER'
4 non-polymer 'FE3-S4 CLUSTER'
5 non-polymer (4S)-2-METHYL-2,4-PENTANEDIOL
6 non-polymer 'MAGNESIUM ION'
7 non-polymer 'NI-FE REDUCED ACTIVE CENTER'
8 non-polymer (4R)-2-METHYLPENTANE-2,4-DIOL
9 water water
#
loop_
_entity_poly.entity_id
_entity_poly.type
_entity_poly.pdbx_seq_one_letter_code
_entity_poly.pdbx_strand_id
1 'polypeptide(L)'
;LMGPRRPSVVYLHNAECTGCSESVLRAFEPYIDTLILDTLSLDYHETIMAAAGDAAEAALEQAVNSPHGFIAVVEGGIPT
AANGIYGKVANHTMLDICSRILPKAQAVIAYGTCATFGGVQAAKPNPTGAKGVNDALKHLGVKAINIAGCPPNPYNLVGT
IVYYLKNKAAPELDSLNRPTMFFGQTVHEQCPRLPHFDAGEFAPSFESEEARKGWCLYELGCKGPVTMNNCPKIKFNQTN
WPVDAGHPCIGCSEPDFWDAMTPFYQN
;
S
2 'polypeptide(L)'
;SSYSGPIVVDPVTRIEGHLRIEVEVENGKVKNAYSSSTLFRGLEIILKGRDPRDAQHFTQRTCGVCTYTHALASTRCVDN
AVGVHIPKNATYIRNLVLGAQYLHDHIVHFYHLHALDFVDVTAALKADPAKAAKVASSISPRKTTAADLKAVQDKLKTFV
ETGQLGPFTNAYFLGGHPAYYLDPETNLIATAHYLEALRLQVKAARAMAVFGAKNPHTQFTVVGGVTCYDALTPQRIAEF
EALWKETKAFVDEVYIPDLLVVAAAYKDWTQYGGTDNFITFGEFPKDEYDLNSRFFKPGVVFKRDFKNIKPFDKMQIEEH
VRHSWYEGAEARHPWKGQTQPKYTDLHGDDRYSWMKAPRYMGEPMETGPLAQVLIAYSQGHPKVKAVTDAVLAKLGVGPE
ALFSTLGRTAARGIETAVIAEYVGVMLQEYKDNIAKGDNVICAPWEMPKQAEGVGFVNAPRGGLSHWIRIEDGKIGNFQL
VVPSTWTLGPRCDKNKLSPVEASLIGTPVADAKRPVEILRTVHSFDP(CSO)IACGVH
;
L
#
loop_
_chem_comp.id
_chem_comp.type
_chem_comp.name
_chem_comp.formula
F3S non-polymer 'FE3-S4 CLUSTER' 'Fe3 S4'
MG non-polymer 'MAGNESIUM ION' 'Mg 2'
MPD non-polymer (4S)-2-METHYL-2,4-PENTANEDIOL 'C6 H14 O2'
MRD non-polymer (4R)-2-METHYLPENTANE-2,4-DIOL 'C6 H14 O2'
NFR non-polymer 'NI-FE REDUCED ACTIVE CENTER' 'C3 H2 Fe N Ni O2'
SF4 non-polymer 'IRON/SULFUR CLUSTER' 'Fe4 S4'
#
# COMPACT_ATOMS: atom_id res chain seq x y z
N LEU A 1 -21.82 13.68 9.03
CA LEU A 1 -20.49 13.11 9.18
C LEU A 1 -19.64 14.06 10.07
N MET A 2 -20.30 15.21 10.07
CA MET A 2 -19.92 16.48 10.62
C MET A 2 -21.14 17.41 10.80
N GLY A 3 -20.87 18.48 11.52
CA GLY A 3 -21.63 19.67 11.79
C GLY A 3 -20.74 20.76 12.34
N PRO A 4 -20.98 21.18 13.57
CA PRO A 4 -20.14 22.25 14.13
C PRO A 4 -18.81 21.69 14.63
N ARG A 5 -18.39 22.20 15.77
CA ARG A 5 -17.32 21.56 16.51
C ARG A 5 -16.03 21.32 15.74
N ARG A 6 -15.71 20.16 15.18
CA ARG A 6 -14.39 20.02 14.56
C ARG A 6 -14.45 20.39 13.10
N PRO A 7 -13.43 21.04 12.57
CA PRO A 7 -13.42 21.37 11.15
C PRO A 7 -13.47 20.12 10.25
N SER A 8 -14.36 20.17 9.27
CA SER A 8 -14.55 19.08 8.33
C SER A 8 -13.49 19.05 7.22
N VAL A 9 -12.97 17.84 7.01
CA VAL A 9 -11.98 17.58 5.97
C VAL A 9 -12.56 16.52 5.03
N VAL A 10 -12.49 16.81 3.73
CA VAL A 10 -12.90 15.91 2.68
C VAL A 10 -11.62 15.54 1.93
N TYR A 11 -11.27 14.28 1.92
CA TYR A 11 -9.97 13.87 1.39
C TYR A 11 -10.25 13.08 0.12
N LEU A 12 -9.75 13.53 -1.01
CA LEU A 12 -10.01 12.95 -2.32
C LEU A 12 -8.77 12.23 -2.86
N HIS A 13 -9.06 11.12 -3.51
CA HIS A 13 -8.01 10.35 -4.14
C HIS A 13 -8.20 10.29 -5.63
N ASN A 14 -7.30 10.92 -6.38
CA ASN A 14 -7.34 10.90 -7.83
C ASN A 14 -6.40 9.83 -8.38
N ALA A 15 -5.45 10.24 -9.24
CA ALA A 15 -4.47 9.31 -9.79
C ALA A 15 -3.29 9.30 -8.83
N GLU A 16 -3.20 8.28 -7.98
CA GLU A 16 -2.27 8.29 -6.85
C GLU A 16 -1.90 6.88 -6.47
N CYS A 17 -0.86 6.75 -5.65
CA CYS A 17 -0.37 5.44 -5.24
C CYS A 17 -0.71 5.16 -3.78
N THR A 18 -1.28 6.15 -3.12
CA THR A 18 -1.76 6.08 -1.73
C THR A 18 -0.57 6.27 -0.80
N GLY A 19 0.62 6.54 -1.34
CA GLY A 19 1.77 6.88 -0.48
C GLY A 19 1.56 8.15 0.29
N CYS A 20 0.86 9.12 -0.29
CA CYS A 20 0.58 10.33 0.49
C CYS A 20 -0.39 10.04 1.62
N SER A 21 -1.45 9.26 1.39
CA SER A 21 -2.31 8.90 2.52
C SER A 21 -1.53 8.18 3.61
N GLU A 22 -0.67 7.26 3.18
CA GLU A 22 0.15 6.53 4.19
C GLU A 22 1.03 7.50 4.94
N SER A 23 1.59 8.51 4.27
CA SER A 23 2.45 9.44 5.00
C SER A 23 1.66 10.10 6.12
N VAL A 24 0.37 10.39 5.90
CA VAL A 24 -0.39 11.09 6.96
C VAL A 24 -0.56 10.17 8.18
N LEU A 25 -0.70 8.86 7.90
CA LEU A 25 -0.80 7.90 9.00
C LEU A 25 0.46 7.89 9.87
N ARG A 26 1.60 8.36 9.33
CA ARG A 26 2.81 8.42 10.15
C ARG A 26 2.92 9.65 11.00
N ALA A 27 1.88 10.48 11.04
CA ALA A 27 1.87 11.72 11.82
C ALA A 27 2.33 11.50 13.26
N PHE A 28 3.18 12.38 13.76
CA PHE A 28 3.82 12.21 15.07
C PHE A 28 3.66 13.49 15.88
N GLU A 29 3.06 13.38 17.07
CA GLU A 29 2.92 14.52 17.98
C GLU A 29 2.44 15.77 17.27
N PRO A 30 1.22 15.85 16.78
CA PRO A 30 0.19 14.86 17.02
C PRO A 30 0.17 13.65 16.12
N TYR A 31 -0.29 12.55 16.71
CA TYR A 31 -0.52 11.32 15.97
C TYR A 31 -1.87 11.33 15.27
N ILE A 32 -2.07 10.37 14.39
CA ILE A 32 -3.28 10.41 13.52
C ILE A 32 -4.53 10.18 14.35
N ASP A 33 -4.44 9.44 15.48
CA ASP A 33 -5.71 9.28 16.24
C ASP A 33 -6.10 10.63 16.84
N THR A 34 -5.15 11.40 17.38
CA THR A 34 -5.49 12.74 17.91
C THR A 34 -6.06 13.63 16.83
N LEU A 35 -5.45 13.56 15.62
CA LEU A 35 -5.93 14.38 14.51
C LEU A 35 -7.38 14.04 14.14
N ILE A 36 -7.75 12.76 14.06
CA ILE A 36 -9.10 12.40 13.62
C ILE A 36 -10.13 12.46 14.73
N LEU A 37 -9.70 12.33 15.99
CA LEU A 37 -10.66 12.42 17.09
C LEU A 37 -10.80 13.81 17.68
N ASP A 38 -9.71 14.58 17.66
CA ASP A 38 -9.72 15.84 18.41
C ASP A 38 -9.59 17.07 17.52
N THR A 39 -8.68 16.98 16.56
CA THR A 39 -8.37 18.21 15.83
C THR A 39 -9.33 18.48 14.67
N LEU A 40 -9.62 17.41 13.95
CA LEU A 40 -10.35 17.54 12.69
C LEU A 40 -11.51 16.54 12.66
N SER A 41 -12.38 16.67 11.69
CA SER A 41 -13.41 15.69 11.37
C SER A 41 -13.15 15.16 9.94
N LEU A 42 -12.67 13.92 9.86
CA LEU A 42 -12.27 13.32 8.58
C LEU A 42 -13.54 12.69 8.00
N ASP A 43 -14.14 13.46 7.07
CA ASP A 43 -15.52 13.13 6.70
C ASP A 43 -15.67 12.32 5.44
N TYR A 44 -14.57 12.20 4.71
CA TYR A 44 -14.56 11.29 3.56
C TYR A 44 -13.09 10.95 3.33
N HIS A 45 -12.78 9.66 3.22
CA HIS A 45 -11.45 9.19 2.96
C HIS A 45 -11.54 7.74 2.51
N GLU A 46 -11.39 7.50 1.20
CA GLU A 46 -11.69 6.15 0.68
C GLU A 46 -10.82 5.05 1.27
N THR A 47 -9.61 5.36 1.77
CA THR A 47 -8.75 4.29 2.30
C THR A 47 -9.22 3.74 3.64
N ILE A 48 -9.81 4.61 4.46
CA ILE A 48 -10.12 4.10 5.79
C ILE A 48 -11.58 4.21 6.16
N MET A 49 -12.45 4.80 5.34
CA MET A 49 -13.83 5.02 5.78
C MET A 49 -14.62 3.72 5.82
N ALA A 50 -15.55 3.66 6.78
CA ALA A 50 -16.39 2.43 6.90
C ALA A 50 -17.38 2.24 5.77
N ALA A 51 -18.05 3.29 5.34
CA ALA A 51 -19.01 3.19 4.25
C ALA A 51 -18.33 2.88 2.91
N ALA A 52 -19.04 2.15 2.06
CA ALA A 52 -18.60 1.89 0.68
C ALA A 52 -19.77 2.19 -0.27
N GLY A 53 -19.45 2.27 -1.56
CA GLY A 53 -20.50 2.34 -2.57
C GLY A 53 -21.41 3.53 -2.37
N ASP A 54 -22.71 3.28 -2.53
CA ASP A 54 -23.68 4.37 -2.48
C ASP A 54 -23.61 5.11 -1.15
N ALA A 55 -23.34 4.35 -0.08
CA ALA A 55 -23.27 4.89 1.27
C ALA A 55 -22.09 5.85 1.39
N ALA A 56 -20.99 5.50 0.74
CA ALA A 56 -19.83 6.37 0.68
C ALA A 56 -20.14 7.60 -0.15
N GLU A 57 -20.77 7.40 -1.32
CA GLU A 57 -21.16 8.57 -2.12
C GLU A 57 -22.05 9.50 -1.29
N ALA A 58 -22.98 8.95 -0.51
CA ALA A 58 -23.84 9.78 0.32
C ALA A 58 -23.06 10.59 1.34
N ALA A 59 -22.08 9.95 1.97
CA ALA A 59 -21.27 10.62 2.98
C ALA A 59 -20.52 11.80 2.36
N LEU A 60 -20.01 11.59 1.16
CA LEU A 60 -19.32 12.67 0.45
C LEU A 60 -20.25 13.84 0.16
N GLU A 61 -21.44 13.57 -0.39
CA GLU A 61 -22.35 14.68 -0.68
C GLU A 61 -22.70 15.42 0.62
N GLN A 62 -22.91 14.62 1.68
CA GLN A 62 -23.30 15.26 2.97
C GLN A 62 -22.21 16.20 3.44
N ALA A 63 -20.95 15.81 3.25
CA ALA A 63 -19.84 16.62 3.73
C ALA A 63 -19.62 17.87 2.90
N VAL A 64 -19.71 17.69 1.58
CA VAL A 64 -19.46 18.79 0.65
C VAL A 64 -20.52 19.86 0.73
N ASN A 65 -21.75 19.47 1.03
CA ASN A 65 -22.80 20.50 1.02
C ASN A 65 -23.12 21.04 2.40
N SER A 66 -22.29 20.68 3.39
CA SER A 66 -22.53 21.12 4.75
C SER A 66 -22.47 22.64 4.85
N PRO A 67 -23.39 23.23 5.60
CA PRO A 67 -23.39 24.68 5.79
C PRO A 67 -22.22 25.10 6.65
N HIS A 68 -21.60 24.12 7.31
CA HIS A 68 -20.47 24.48 8.16
C HIS A 68 -19.18 24.66 7.36
N GLY A 69 -19.19 24.22 6.11
CA GLY A 69 -17.99 24.35 5.29
C GLY A 69 -17.01 23.18 5.45
N PHE A 70 -16.12 23.02 4.46
CA PHE A 70 -15.11 21.97 4.57
C PHE A 70 -13.80 22.39 3.95
N ILE A 71 -12.74 21.72 4.34
CA ILE A 71 -11.39 21.84 3.78
C ILE A 71 -11.21 20.61 2.89
N ALA A 72 -10.65 20.76 1.71
CA ALA A 72 -10.41 19.62 0.84
C ALA A 72 -8.92 19.32 0.87
N VAL A 73 -8.58 18.07 1.07
CA VAL A 73 -7.19 17.64 0.91
C VAL A 73 -7.21 16.70 -0.30
N VAL A 74 -6.37 16.95 -1.29
CA VAL A 74 -6.44 16.21 -2.54
C VAL A 74 -5.13 15.46 -2.79
N GLU A 75 -5.24 14.16 -2.99
CA GLU A 75 -4.07 13.34 -3.31
C GLU A 75 -4.17 12.86 -4.74
N GLY A 76 -3.11 12.98 -5.53
CA GLY A 76 -3.08 12.39 -6.85
C GLY A 76 -3.35 13.43 -7.93
N GLY A 77 -2.81 13.17 -9.13
CA GLY A 77 -3.04 14.04 -10.28
C GLY A 77 -4.40 13.77 -10.89
N ILE A 78 -4.87 14.73 -11.71
CA ILE A 78 -6.14 14.55 -12.41
C ILE A 78 -5.93 14.13 -13.85
N PRO A 79 -6.36 12.92 -14.24
CA PRO A 79 -6.14 12.55 -15.66
C PRO A 79 -7.15 13.27 -16.53
N THR A 80 -6.63 14.02 -17.51
CA THR A 80 -7.57 14.81 -18.31
C THR A 80 -7.70 14.31 -19.74
N ALA A 81 -6.83 13.41 -20.19
CA ALA A 81 -6.89 12.90 -21.59
C ALA A 81 -8.21 12.19 -21.86
N ALA A 82 -8.69 12.19 -23.07
CA ALA A 82 -9.89 11.46 -23.47
C ALA A 82 -11.07 11.75 -22.54
N ASN A 83 -11.22 13.04 -22.22
CA ASN A 83 -12.31 13.56 -21.44
C ASN A 83 -12.37 12.98 -20.02
N GLY A 84 -11.19 12.61 -19.54
CA GLY A 84 -11.02 12.24 -18.15
C GLY A 84 -11.28 10.77 -17.87
N ILE A 85 -11.47 9.94 -18.89
CA ILE A 85 -11.92 8.57 -18.60
C ILE A 85 -10.87 7.63 -17.97
N TYR A 86 -9.61 8.07 -17.95
CA TYR A 86 -8.61 7.12 -17.40
C TYR A 86 -8.72 7.02 -15.88
N GLY A 87 -9.48 7.90 -15.24
CA GLY A 87 -9.69 7.74 -13.79
C GLY A 87 -11.13 8.04 -13.43
N LYS A 88 -11.84 7.05 -12.86
CA LYS A 88 -13.23 7.32 -12.45
C LYS A 88 -13.44 6.78 -11.05
N VAL A 89 -14.29 7.43 -10.29
CA VAL A 89 -14.78 6.91 -9.02
C VAL A 89 -16.30 6.96 -9.06
N ALA A 90 -17.02 5.90 -8.71
CA ALA A 90 -18.48 5.89 -8.77
C ALA A 90 -18.99 6.27 -10.16
N ASN A 91 -18.18 5.90 -11.14
CA ASN A 91 -18.39 6.06 -12.56
C ASN A 91 -18.49 7.52 -12.97
N HIS A 92 -17.85 8.41 -12.17
CA HIS A 92 -17.63 9.79 -12.56
C HIS A 92 -16.16 10.04 -12.80
N THR A 93 -15.81 10.89 -13.78
CA THR A 93 -14.37 11.11 -13.96
C THR A 93 -13.84 11.90 -12.78
N MET A 94 -12.54 11.65 -12.51
CA MET A 94 -11.95 12.42 -11.43
C MET A 94 -11.93 13.90 -11.76
N LEU A 95 -11.77 14.24 -13.03
CA LEU A 95 -11.82 15.64 -13.45
C LEU A 95 -13.17 16.24 -13.10
N ASP A 96 -14.24 15.52 -13.41
CA ASP A 96 -15.59 16.02 -13.05
C ASP A 96 -15.77 16.10 -11.54
N ILE A 97 -15.32 15.09 -10.82
CA ILE A 97 -15.50 15.11 -9.36
C ILE A 97 -14.81 16.33 -8.77
N CYS A 98 -13.56 16.53 -9.22
CA CYS A 98 -12.83 17.63 -8.61
C CYS A 98 -13.39 18.98 -9.05
N SER A 99 -13.82 19.07 -10.31
CA SER A 99 -14.36 20.33 -10.81
C SER A 99 -15.60 20.72 -10.01
N ARG A 100 -16.35 19.72 -9.55
CA ARG A 100 -17.61 20.01 -8.83
C ARG A 100 -17.35 20.29 -7.36
N ILE A 101 -16.40 19.53 -6.78
CA ILE A 101 -16.24 19.65 -5.32
C ILE A 101 -15.29 20.76 -4.94
N LEU A 102 -14.13 20.86 -5.61
CA LEU A 102 -13.12 21.76 -5.06
C LEU A 102 -13.53 23.22 -5.08
N PRO A 103 -14.24 23.75 -6.07
CA PRO A 103 -14.69 25.16 -5.94
C PRO A 103 -15.58 25.41 -4.73
N LYS A 104 -16.14 24.37 -4.10
CA LYS A 104 -16.99 24.58 -2.94
C LYS A 104 -16.21 24.57 -1.63
N ALA A 105 -14.94 24.18 -1.69
CA ALA A 105 -14.16 24.12 -0.48
C ALA A 105 -13.82 25.51 0.07
N GLN A 106 -13.71 25.63 1.40
CA GLN A 106 -13.24 26.87 2.00
C GLN A 106 -11.76 27.04 1.70
N ALA A 107 -11.03 25.94 1.62
CA ALA A 107 -9.60 25.96 1.30
C ALA A 107 -9.30 24.57 0.72
N VAL A 108 -8.35 24.53 -0.15
CA VAL A 108 -7.91 23.32 -0.83
C VAL A 108 -6.40 23.16 -0.59
N ILE A 109 -6.03 21.97 -0.15
CA ILE A 109 -4.62 21.60 -0.06
C ILE A 109 -4.35 20.47 -1.03
N ALA A 110 -3.45 20.68 -1.98
CA ALA A 110 -2.90 19.69 -2.86
C ALA A 110 -1.76 19.01 -2.13
N TYR A 111 -1.92 17.72 -1.83
CA TYR A 111 -0.92 17.06 -0.99
C TYR A 111 -0.25 15.98 -1.83
N GLY A 112 1.07 16.16 -2.00
CA GLY A 112 1.59 15.19 -2.96
C GLY A 112 2.09 15.88 -4.22
N THR A 113 3.34 15.63 -4.64
CA THR A 113 3.76 16.12 -5.97
C THR A 113 2.78 15.76 -7.07
N CYS A 114 2.10 14.61 -6.99
CA CYS A 114 1.09 14.31 -8.02
C CYS A 114 -0.04 15.35 -8.01
N ALA A 115 -0.65 15.57 -6.83
CA ALA A 115 -1.66 16.60 -6.74
C ALA A 115 -1.12 18.00 -7.00
N THR A 116 0.08 18.32 -6.56
CA THR A 116 0.56 19.69 -6.76
C THR A 116 0.93 19.91 -8.23
N PHE A 117 1.66 18.96 -8.83
CA PHE A 117 2.35 19.26 -10.09
C PHE A 117 2.03 18.23 -11.16
N GLY A 118 1.26 17.18 -10.88
CA GLY A 118 1.00 16.15 -11.89
C GLY A 118 1.66 14.83 -11.56
N GLY A 119 2.93 14.83 -11.09
CA GLY A 119 3.53 13.64 -10.53
C GLY A 119 3.84 12.54 -11.54
N VAL A 120 3.91 11.32 -10.98
CA VAL A 120 4.54 10.22 -11.71
C VAL A 120 3.77 9.89 -12.98
N GLN A 121 2.43 9.90 -12.95
CA GLN A 121 1.70 9.58 -14.19
C GLN A 121 1.76 10.73 -15.19
N ALA A 122 2.17 11.95 -14.79
CA ALA A 122 2.36 13.04 -15.76
C ALA A 122 3.75 13.03 -16.44
N ALA A 123 4.65 12.14 -16.03
CA ALA A 123 5.98 12.03 -16.64
C ALA A 123 5.79 11.61 -18.10
N LYS A 124 6.70 12.04 -18.95
CA LYS A 124 6.61 11.71 -20.38
C LYS A 124 6.39 10.24 -20.64
N PRO A 125 5.53 9.85 -21.57
CA PRO A 125 4.76 10.75 -22.43
C PRO A 125 3.37 11.10 -21.92
N ASN A 126 3.15 10.95 -20.63
CA ASN A 126 1.87 11.35 -19.99
C ASN A 126 0.67 10.78 -20.73
N PRO A 127 0.53 9.45 -20.80
CA PRO A 127 -0.54 8.88 -21.63
C PRO A 127 -1.93 9.30 -21.15
N THR A 128 -2.09 9.57 -19.85
CA THR A 128 -3.43 9.89 -19.37
C THR A 128 -3.71 11.39 -19.24
N GLY A 129 -2.79 12.21 -19.75
CA GLY A 129 -2.95 13.67 -19.66
C GLY A 129 -3.13 14.14 -18.22
N ALA A 130 -2.33 13.57 -17.32
CA ALA A 130 -2.45 13.92 -15.91
C ALA A 130 -1.95 15.34 -15.63
N LYS A 131 -2.68 16.06 -14.78
CA LYS A 131 -2.29 17.43 -14.43
C LYS A 131 -2.36 17.65 -12.92
N GLY A 132 -1.58 18.58 -12.38
CA GLY A 132 -1.76 18.92 -10.96
C GLY A 132 -3.09 19.62 -10.82
N VAL A 133 -3.58 19.75 -9.61
CA VAL A 133 -4.88 20.36 -9.33
C VAL A 133 -4.97 21.78 -9.85
N ASN A 134 -4.00 22.63 -9.51
CA ASN A 134 -4.19 24.03 -9.89
C ASN A 134 -4.15 24.20 -11.41
N ASP A 135 -3.38 23.35 -12.09
CA ASP A 135 -3.27 23.40 -13.55
C ASP A 135 -4.59 22.97 -14.15
N ALA A 136 -5.06 21.79 -13.74
CA ALA A 136 -6.31 21.24 -14.26
C ALA A 136 -7.47 22.19 -14.01
N LEU A 137 -7.49 22.90 -12.88
CA LEU A 137 -8.72 23.56 -12.44
C LEU A 137 -8.57 25.08 -12.40
N LYS A 138 -7.52 25.57 -13.04
CA LYS A 138 -7.23 27.01 -13.14
C LYS A 138 -8.44 27.84 -13.55
N HIS A 139 -9.18 27.30 -14.52
CA HIS A 139 -10.31 27.99 -15.11
C HIS A 139 -11.45 28.08 -14.12
N LEU A 140 -11.39 27.30 -13.05
CA LEU A 140 -12.46 27.40 -12.07
C LEU A 140 -12.00 28.24 -10.91
N GLY A 141 -10.81 28.84 -11.01
CA GLY A 141 -10.26 29.67 -9.95
C GLY A 141 -9.83 28.93 -8.71
N VAL A 142 -9.66 27.60 -8.82
CA VAL A 142 -9.11 26.85 -7.68
C VAL A 142 -7.63 27.14 -7.48
N LYS A 143 -7.27 27.57 -6.27
CA LYS A 143 -5.86 27.81 -5.95
C LYS A 143 -5.52 27.01 -4.71
N ALA A 144 -5.07 25.78 -4.93
CA ALA A 144 -4.74 24.91 -3.79
C ALA A 144 -3.39 25.26 -3.19
N ILE A 145 -3.24 25.20 -1.88
CA ILE A 145 -1.91 25.26 -1.25
C ILE A 145 -1.18 23.99 -1.65
N ASN A 146 0.01 24.10 -2.18
CA ASN A 146 0.74 22.93 -2.66
C ASN A 146 1.72 22.42 -1.63
N ILE A 147 1.53 21.21 -1.15
CA ILE A 147 2.51 20.62 -0.23
C ILE A 147 3.19 19.51 -1.02
N ALA A 148 4.38 19.77 -1.54
CA ALA A 148 5.08 18.87 -2.44
C ALA A 148 6.01 17.89 -1.74
N GLY A 149 6.34 16.84 -2.52
CA GLY A 149 7.12 15.69 -2.08
C GLY A 149 6.42 14.40 -2.52
N CYS A 150 7.14 13.29 -2.54
CA CYS A 150 6.62 12.03 -3.06
C CYS A 150 6.96 10.87 -2.16
N PRO A 151 6.28 10.76 -1.01
CA PRO A 151 5.31 11.74 -0.52
C PRO A 151 5.93 12.87 0.31
N PRO A 152 5.15 13.89 0.61
CA PRO A 152 5.67 15.00 1.42
C PRO A 152 5.91 14.52 2.85
N ASN A 153 6.58 15.37 3.61
CA ASN A 153 6.71 15.17 5.06
C ASN A 153 5.35 15.45 5.69
N PRO A 154 4.75 14.52 6.42
CA PRO A 154 3.42 14.82 6.97
C PRO A 154 3.48 15.96 7.97
N TYR A 155 4.68 16.23 8.53
CA TYR A 155 4.84 17.43 9.35
C TYR A 155 4.33 18.67 8.60
N ASN A 156 4.53 18.69 7.30
CA ASN A 156 4.20 19.84 6.48
C ASN A 156 2.70 19.96 6.24
N LEU A 157 1.98 18.84 6.17
CA LEU A 157 0.52 18.92 6.04
C LEU A 157 -0.11 19.38 7.35
N VAL A 158 0.30 18.73 8.45
CA VAL A 158 -0.31 19.14 9.74
C VAL A 158 0.04 20.59 10.06
N GLY A 159 1.29 21.00 9.80
CA GLY A 159 1.68 22.38 10.11
C GLY A 159 0.85 23.36 9.31
N THR A 160 0.56 23.02 8.06
CA THR A 160 -0.22 23.92 7.22
C THR A 160 -1.66 23.97 7.72
N ILE A 161 -2.24 22.81 8.00
CA ILE A 161 -3.64 22.79 8.51
C ILE A 161 -3.73 23.56 9.84
N VAL A 162 -2.81 23.30 10.75
CA VAL A 162 -2.88 24.01 12.05
C VAL A 162 -2.81 25.52 11.80
N TYR A 163 -1.91 25.95 10.89
CA TYR A 163 -1.77 27.38 10.62
C TYR A 163 -3.11 27.94 10.15
N TYR A 164 -3.70 27.22 9.20
CA TYR A 164 -4.91 27.65 8.52
C TYR A 164 -6.02 27.77 9.57
N LEU A 165 -6.07 26.77 10.46
CA LEU A 165 -7.16 26.86 11.43
C LEU A 165 -6.93 28.02 12.39
N LYS A 166 -5.66 28.32 12.68
CA LYS A 166 -5.35 29.38 13.65
C LYS A 166 -5.64 30.74 13.05
N ASN A 167 -5.08 30.90 11.84
CA ASN A 167 -5.00 32.25 11.27
C ASN A 167 -6.13 32.48 10.28
N LYS A 168 -6.81 31.44 9.83
CA LYS A 168 -7.93 31.65 8.90
C LYS A 168 -7.44 32.09 7.52
N ALA A 169 -6.20 31.74 7.25
CA ALA A 169 -5.56 32.15 6.01
C ALA A 169 -4.41 31.21 5.71
N ALA A 170 -4.03 31.23 4.44
CA ALA A 170 -2.87 30.44 4.07
C ALA A 170 -1.62 31.10 4.62
N PRO A 171 -0.57 30.31 4.84
CA PRO A 171 0.69 30.95 5.22
C PRO A 171 1.38 31.51 4.00
N GLU A 172 2.48 32.23 4.18
CA GLU A 172 3.24 32.72 3.04
C GLU A 172 3.57 31.57 2.08
N LEU A 173 3.29 31.80 0.80
CA LEU A 173 3.54 30.76 -0.21
C LEU A 173 4.59 31.22 -1.21
N ASP A 174 5.38 30.27 -1.70
CA ASP A 174 6.38 30.55 -2.72
C ASP A 174 5.75 30.62 -4.11
N SER A 175 6.58 30.73 -5.15
CA SER A 175 6.03 30.91 -6.49
C SER A 175 5.43 29.61 -7.06
N LEU A 176 5.64 28.49 -6.41
CA LEU A 176 4.95 27.25 -6.75
C LEU A 176 3.80 26.97 -5.79
N ASN A 177 3.41 28.00 -5.04
CA ASN A 177 2.31 27.93 -4.07
C ASN A 177 2.59 26.97 -2.91
N ARG A 178 3.85 26.76 -2.53
CA ARG A 178 4.21 25.91 -1.40
C ARG A 178 4.54 26.78 -0.19
N PRO A 179 4.16 26.42 1.01
CA PRO A 179 4.47 27.26 2.17
C PRO A 179 5.98 27.45 2.35
N THR A 180 6.36 28.73 2.44
CA THR A 180 7.78 29.03 2.62
C THR A 180 8.30 28.57 3.97
N MET A 181 7.42 28.32 4.94
CA MET A 181 7.90 27.89 6.27
C MET A 181 8.47 26.47 6.18
N PHE A 182 8.18 25.76 5.09
CA PHE A 182 8.68 24.39 4.98
C PHE A 182 9.56 24.22 3.75
N PHE A 183 9.29 24.99 2.70
CA PHE A 183 9.95 24.81 1.41
C PHE A 183 10.90 25.98 1.07
N GLY A 184 11.26 26.76 2.09
CA GLY A 184 12.06 27.95 1.88
C GLY A 184 13.55 27.78 1.63
N GLN A 185 14.04 26.57 1.92
CA GLN A 185 15.46 26.27 1.81
C GLN A 185 15.65 25.06 0.92
N THR A 186 16.78 25.08 0.20
CA THR A 186 17.13 23.84 -0.52
C THR A 186 17.48 22.74 0.47
N VAL A 187 17.23 21.50 0.02
CA VAL A 187 17.68 20.35 0.84
C VAL A 187 19.18 20.50 1.09
N HIS A 188 19.89 20.88 0.01
CA HIS A 188 21.37 20.97 0.02
C HIS A 188 21.93 21.92 1.04
N GLU A 189 21.32 23.09 1.24
CA GLU A 189 21.94 24.05 2.17
C GLU A 189 21.81 23.54 3.60
N GLN A 190 20.96 22.57 3.82
CA GLN A 190 20.71 21.98 5.12
C GLN A 190 21.40 20.65 5.32
N CYS A 191 22.14 20.22 4.29
CA CYS A 191 22.68 18.85 4.31
C CYS A 191 23.94 18.69 5.13
N PRO A 192 24.08 17.62 5.94
CA PRO A 192 25.30 17.45 6.71
C PRO A 192 26.54 17.21 5.84
N ARG A 193 26.36 16.83 4.57
CA ARG A 193 27.54 16.57 3.74
C ARG A 193 28.02 17.83 3.04
N LEU A 194 27.39 18.97 3.26
CA LEU A 194 27.77 20.20 2.56
C LEU A 194 29.24 20.52 2.73
N PRO A 195 29.87 20.31 3.89
CA PRO A 195 31.32 20.62 3.91
C PRO A 195 32.09 19.78 2.90
N HIS A 196 31.66 18.52 2.66
CA HIS A 196 32.41 17.77 1.64
C HIS A 196 32.18 18.36 0.25
N PHE A 197 30.94 18.73 -0.04
CA PHE A 197 30.61 19.41 -1.28
C PHE A 197 31.54 20.61 -1.45
N ASP A 198 31.57 21.46 -0.43
CA ASP A 198 32.41 22.67 -0.54
C ASP A 198 33.85 22.31 -0.90
N ALA A 199 34.35 21.18 -0.41
CA ALA A 199 35.72 20.77 -0.57
C ALA A 199 35.92 19.94 -1.83
N GLY A 200 34.85 19.73 -2.60
CA GLY A 200 34.99 18.89 -3.80
C GLY A 200 35.24 17.42 -3.48
N GLU A 201 34.78 17.01 -2.29
CA GLU A 201 34.91 15.62 -1.83
C GLU A 201 33.64 14.83 -2.16
N PHE A 202 33.60 14.18 -3.32
CA PHE A 202 32.49 13.43 -3.85
C PHE A 202 32.72 11.93 -3.86
N ALA A 203 31.67 11.19 -3.50
CA ALA A 203 31.82 9.73 -3.64
C ALA A 203 31.75 9.37 -5.12
N PRO A 204 32.71 8.60 -5.63
CA PRO A 204 32.64 8.29 -7.07
C PRO A 204 31.75 7.08 -7.38
N SER A 205 31.35 6.33 -6.35
CA SER A 205 30.50 5.15 -6.55
C SER A 205 29.88 4.77 -5.22
N PHE A 206 28.79 4.00 -5.22
CA PHE A 206 28.22 3.61 -3.93
C PHE A 206 29.06 2.63 -3.15
N GLU A 207 29.86 1.83 -3.85
CA GLU A 207 30.73 0.86 -3.15
C GLU A 207 32.03 1.46 -2.62
N SER A 208 32.34 2.70 -2.98
CA SER A 208 33.59 3.35 -2.63
C SER A 208 33.76 3.62 -1.14
N GLU A 209 35.05 3.70 -0.74
CA GLU A 209 35.38 4.13 0.62
C GLU A 209 34.90 5.55 0.83
N GLU A 210 34.87 6.41 -0.18
CA GLU A 210 34.34 7.76 0.02
C GLU A 210 32.86 7.74 0.42
N ALA A 211 32.08 6.89 -0.25
CA ALA A 211 30.67 6.76 0.15
C ALA A 211 30.57 6.24 1.58
N ARG A 212 31.40 5.21 1.89
CA ARG A 212 31.39 4.68 3.26
C ARG A 212 31.66 5.79 4.29
N LYS A 213 32.57 6.68 3.93
CA LYS A 213 32.95 7.79 4.82
C LYS A 213 31.95 8.94 4.79
N GLY A 214 30.92 8.86 3.93
CA GLY A 214 29.91 9.91 3.96
C GLY A 214 30.21 11.12 3.12
N TRP A 215 31.03 10.96 2.08
CA TRP A 215 31.28 12.09 1.20
C TRP A 215 30.03 12.46 0.40
N CYS A 216 30.08 13.62 -0.23
CA CYS A 216 28.96 14.19 -0.96
C CYS A 216 28.53 13.30 -2.12
N LEU A 217 27.21 13.25 -2.33
CA LEU A 217 26.59 12.37 -3.34
C LEU A 217 26.29 13.10 -4.63
N TYR A 218 26.80 14.32 -4.82
CA TYR A 218 26.49 15.08 -6.02
C TYR A 218 26.90 14.36 -7.30
N GLU A 219 28.11 13.76 -7.31
CA GLU A 219 28.51 13.07 -8.55
C GLU A 219 27.69 11.81 -8.82
N LEU A 220 27.02 11.28 -7.81
CA LEU A 220 26.11 10.14 -7.97
C LEU A 220 24.68 10.63 -8.21
N GLY A 221 24.48 11.91 -8.54
CA GLY A 221 23.17 12.34 -9.00
C GLY A 221 22.37 13.20 -8.06
N CYS A 222 22.88 13.49 -6.86
CA CYS A 222 22.08 14.19 -5.84
C CYS A 222 21.47 15.50 -6.35
N LYS A 223 20.14 15.56 -6.18
CA LYS A 223 19.44 16.75 -6.64
C LYS A 223 19.17 17.70 -5.48
N GLY A 224 19.76 17.47 -4.32
CA GLY A 224 19.62 18.41 -3.21
C GLY A 224 19.83 19.88 -3.58
N PRO A 225 20.85 20.22 -4.38
CA PRO A 225 21.07 21.64 -4.73
C PRO A 225 19.92 22.33 -5.45
N VAL A 226 19.01 21.57 -6.06
CA VAL A 226 17.93 22.17 -6.85
C VAL A 226 16.53 21.80 -6.34
N THR A 227 16.50 21.32 -5.11
CA THR A 227 15.26 20.82 -4.53
C THR A 227 14.92 21.55 -3.24
N MET A 228 13.70 22.08 -3.11
CA MET A 228 13.27 22.78 -1.89
C MET A 228 12.44 21.83 -1.03
N ASN A 229 12.91 21.57 0.18
CA ASN A 229 12.17 20.68 1.08
C ASN A 229 12.86 20.78 2.45
N ASN A 230 12.23 20.23 3.49
CA ASN A 230 12.84 20.38 4.83
C ASN A 230 13.36 19.05 5.34
N CYS A 231 13.71 18.15 4.42
CA CYS A 231 14.08 16.77 4.80
C CYS A 231 15.22 16.65 5.80
N PRO A 232 16.31 17.37 5.66
CA PRO A 232 17.41 17.16 6.61
C PRO A 232 17.10 17.69 8.01
N LYS A 233 16.14 18.59 8.09
CA LYS A 233 15.76 19.29 9.31
C LYS A 233 14.77 18.46 10.11
N ILE A 234 13.68 18.06 9.46
CA ILE A 234 12.61 17.35 10.14
C ILE A 234 12.87 15.83 10.10
N LYS A 235 13.52 15.38 9.03
CA LYS A 235 13.73 13.95 8.75
C LYS A 235 12.38 13.28 8.58
N PHE A 236 12.41 11.98 8.31
CA PHE A 236 11.23 11.14 8.16
C PHE A 236 11.17 10.10 9.26
N ASN A 237 9.96 9.83 9.74
CA ASN A 237 9.71 8.82 10.76
C ASN A 237 10.56 9.09 11.99
N GLN A 238 10.90 10.34 12.23
CA GLN A 238 11.64 10.77 13.41
C GLN A 238 13.02 10.12 13.41
N THR A 239 13.54 9.72 12.24
CA THR A 239 14.84 9.02 12.32
C THR A 239 15.76 9.12 11.13
N ASN A 240 15.30 9.37 9.90
CA ASN A 240 16.28 9.30 8.80
C ASN A 240 15.81 10.10 7.60
N TRP A 241 16.72 10.25 6.63
CA TRP A 241 16.30 10.87 5.34
C TRP A 241 17.24 10.37 4.25
N PRO A 242 16.92 10.50 2.97
CA PRO A 242 17.70 9.87 1.91
C PRO A 242 19.20 10.04 2.01
N VAL A 243 19.76 11.25 2.14
CA VAL A 243 21.23 11.28 2.10
C VAL A 243 21.86 10.61 3.30
N ASP A 244 21.20 10.71 4.47
CA ASP A 244 21.79 10.03 5.63
C ASP A 244 21.69 8.50 5.48
N ALA A 245 20.84 7.98 4.59
CA ALA A 245 20.85 6.56 4.23
C ALA A 245 21.79 6.29 3.06
N GLY A 246 22.56 7.28 2.63
CA GLY A 246 23.58 7.07 1.64
C GLY A 246 23.11 7.25 0.22
N HIS A 247 21.87 7.68 -0.03
CA HIS A 247 21.35 7.77 -1.38
C HIS A 247 21.08 9.21 -1.78
N PRO A 248 21.38 9.58 -3.01
CA PRO A 248 21.10 10.94 -3.46
C PRO A 248 19.61 11.30 -3.36
N CYS A 249 19.36 12.59 -3.14
CA CYS A 249 18.04 13.17 -3.33
C CYS A 249 17.64 13.03 -4.81
N ILE A 250 16.41 12.69 -5.08
CA ILE A 250 15.94 12.55 -6.45
C ILE A 250 15.02 13.71 -6.85
N GLY A 251 14.92 14.72 -5.99
CA GLY A 251 14.25 15.97 -6.33
C GLY A 251 12.76 15.93 -6.14
N CYS A 252 12.21 15.13 -5.25
CA CYS A 252 10.82 14.67 -5.38
C CYS A 252 9.79 15.73 -5.01
N SER A 253 10.16 16.88 -4.49
CA SER A 253 9.21 17.97 -4.21
C SER A 253 9.20 19.01 -5.32
N GLU A 254 9.85 18.69 -6.46
CA GLU A 254 9.91 19.70 -7.53
C GLU A 254 8.98 19.35 -8.67
N PRO A 255 8.42 20.34 -9.35
CA PRO A 255 7.54 20.04 -10.49
C PRO A 255 8.25 19.26 -11.58
N ASP A 256 7.56 18.32 -12.23
CA ASP A 256 8.14 17.65 -13.39
C ASP A 256 9.40 16.91 -13.00
N PHE A 257 9.59 16.51 -11.74
CA PHE A 257 10.94 16.04 -11.38
C PHE A 257 11.27 14.72 -12.07
N TRP A 258 10.25 13.92 -12.37
CA TRP A 258 10.48 12.65 -13.07
C TRP A 258 11.21 12.90 -14.38
N ASP A 259 10.96 14.05 -15.02
CA ASP A 259 11.66 14.29 -16.27
C ASP A 259 12.83 15.25 -16.08
N ALA A 260 12.68 16.21 -15.18
CA ALA A 260 13.75 17.20 -15.02
C ALA A 260 14.99 16.65 -14.31
N MET A 261 14.80 15.68 -13.40
CA MET A 261 15.87 15.26 -12.50
C MET A 261 16.49 13.94 -12.97
N THR A 262 15.93 13.45 -14.08
CA THR A 262 16.47 12.20 -14.58
C THR A 262 17.54 12.44 -15.66
N PRO A 263 18.49 11.55 -15.84
CA PRO A 263 18.72 10.31 -15.06
C PRO A 263 19.08 10.60 -13.62
N PHE A 264 18.49 9.80 -12.72
CA PHE A 264 18.61 10.17 -11.32
C PHE A 264 20.06 10.03 -10.85
N TYR A 265 20.91 9.25 -11.54
CA TYR A 265 22.28 9.08 -11.03
C TYR A 265 23.29 9.90 -11.81
N GLN A 266 22.84 10.94 -12.53
CA GLN A 266 23.72 11.91 -13.15
C GLN A 266 23.49 13.33 -12.66
N ASN A 267 24.57 14.10 -12.58
CA ASN A 267 24.46 15.55 -12.58
C ASN A 267 25.41 16.13 -13.63
N SER B 1 -37.62 -11.76 2.14
CA SER B 1 -36.79 -10.56 2.18
C SER B 1 -35.62 -10.69 1.21
N SER B 2 -35.49 -11.85 0.58
CA SER B 2 -34.28 -12.12 -0.20
C SER B 2 -34.33 -11.37 -1.53
N TYR B 3 -33.16 -10.83 -1.85
CA TYR B 3 -32.99 -9.94 -2.98
C TYR B 3 -32.55 -10.67 -4.23
N SER B 4 -33.13 -10.27 -5.36
CA SER B 4 -32.60 -10.71 -6.65
C SER B 4 -32.35 -9.43 -7.44
N GLY B 5 -31.19 -9.33 -8.08
CA GLY B 5 -30.95 -8.13 -8.89
C GLY B 5 -29.48 -7.79 -8.77
N PRO B 6 -29.10 -6.68 -9.38
CA PRO B 6 -27.69 -6.30 -9.31
C PRO B 6 -27.39 -5.59 -7.99
N ILE B 7 -26.11 -5.66 -7.64
CA ILE B 7 -25.54 -4.75 -6.66
C ILE B 7 -24.23 -4.22 -7.22
N VAL B 8 -24.01 -2.92 -7.02
CA VAL B 8 -22.76 -2.30 -7.43
C VAL B 8 -22.14 -1.68 -6.19
N VAL B 9 -20.86 -1.88 -6.01
CA VAL B 9 -20.11 -1.24 -4.94
C VAL B 9 -18.96 -0.46 -5.62
N ASP B 10 -19.18 0.83 -5.70
CA ASP B 10 -18.25 1.74 -6.36
C ASP B 10 -18.34 3.11 -5.69
N PRO B 11 -17.37 3.54 -4.88
CA PRO B 11 -16.09 2.85 -4.65
C PRO B 11 -16.15 1.73 -3.64
N VAL B 12 -15.36 0.68 -3.88
CA VAL B 12 -14.99 -0.19 -2.77
C VAL B 12 -13.98 0.56 -1.91
N THR B 13 -14.34 0.92 -0.67
CA THR B 13 -13.42 1.60 0.25
C THR B 13 -12.63 0.60 1.07
N ARG B 14 -11.67 1.11 1.83
CA ARG B 14 -10.80 0.30 2.69
C ARG B 14 -10.09 -0.77 1.87
N ILE B 15 -9.62 -0.28 0.72
CA ILE B 15 -8.63 -0.93 -0.10
C ILE B 15 -7.66 0.16 -0.54
N GLU B 16 -6.55 -0.25 -1.14
CA GLU B 16 -5.82 0.78 -1.90
C GLU B 16 -6.48 0.87 -3.28
N GLY B 17 -6.66 2.12 -3.73
CA GLY B 17 -7.00 2.34 -5.13
C GLY B 17 -8.46 2.24 -5.48
N HIS B 18 -8.78 2.23 -6.76
CA HIS B 18 -10.14 2.49 -7.29
C HIS B 18 -10.73 1.24 -7.93
N LEU B 19 -11.60 0.61 -7.14
CA LEU B 19 -12.24 -0.63 -7.53
C LEU B 19 -13.76 -0.50 -7.56
N ARG B 20 -14.32 -1.05 -8.60
CA ARG B 20 -15.76 -1.18 -8.75
C ARG B 20 -16.04 -2.67 -8.78
N ILE B 21 -16.87 -3.17 -7.88
CA ILE B 21 -17.33 -4.56 -7.88
C ILE B 21 -18.78 -4.58 -8.34
N GLU B 22 -19.10 -5.41 -9.32
CA GLU B 22 -20.48 -5.57 -9.74
C GLU B 22 -20.92 -7.00 -9.46
N VAL B 23 -22.08 -7.23 -8.85
CA VAL B 23 -22.55 -8.62 -8.75
C VAL B 23 -23.99 -8.72 -9.23
N GLU B 24 -24.38 -9.93 -9.61
CA GLU B 24 -25.74 -10.33 -9.88
C GLU B 24 -26.16 -11.19 -8.66
N VAL B 25 -27.26 -10.85 -8.03
CA VAL B 25 -27.74 -11.64 -6.91
C VAL B 25 -29.05 -12.34 -7.29
N GLU B 26 -29.20 -13.57 -6.82
CA GLU B 26 -30.44 -14.30 -7.06
C GLU B 26 -30.87 -14.96 -5.76
N ASN B 27 -32.05 -14.63 -5.27
CA ASN B 27 -32.51 -15.23 -4.03
C ASN B 27 -31.50 -15.02 -2.91
N GLY B 28 -30.93 -13.82 -2.78
CA GLY B 28 -30.05 -13.53 -1.66
C GLY B 28 -28.65 -14.08 -1.78
N LYS B 29 -28.23 -14.61 -2.91
CA LYS B 29 -26.87 -15.13 -3.03
C LYS B 29 -26.27 -14.69 -4.36
N VAL B 30 -25.01 -14.31 -4.30
CA VAL B 30 -24.32 -13.86 -5.48
C VAL B 30 -24.25 -14.99 -6.51
N LYS B 31 -24.67 -14.69 -7.75
CA LYS B 31 -24.64 -15.63 -8.88
C LYS B 31 -23.57 -15.29 -9.89
N ASN B 32 -23.12 -14.03 -9.93
CA ASN B 32 -22.14 -13.59 -10.94
C ASN B 32 -21.40 -12.36 -10.41
N ALA B 33 -20.17 -12.14 -10.87
CA ALA B 33 -19.35 -11.05 -10.35
C ALA B 33 -18.38 -10.54 -11.39
N TYR B 34 -18.09 -9.27 -11.31
CA TYR B 34 -17.12 -8.58 -12.16
C TYR B 34 -16.23 -7.69 -11.30
N SER B 35 -14.92 -7.77 -11.55
CA SER B 35 -13.96 -6.95 -10.84
C SER B 35 -13.46 -5.86 -11.79
N SER B 36 -13.89 -4.62 -11.58
CA SER B 36 -13.56 -3.52 -12.46
C SER B 36 -12.63 -2.51 -11.77
N SER B 37 -11.42 -2.42 -12.33
CA SER B 37 -10.45 -1.47 -11.80
C SER B 37 -10.50 -0.17 -12.63
N THR B 38 -10.66 0.99 -11.99
CA THR B 38 -11.15 2.13 -12.76
C THR B 38 -10.18 3.29 -12.81
N LEU B 39 -8.93 3.09 -12.49
CA LEU B 39 -7.86 4.05 -12.69
C LEU B 39 -6.73 3.36 -13.46
N PHE B 40 -6.23 4.02 -14.49
CA PHE B 40 -5.01 3.66 -15.22
C PHE B 40 -4.01 4.81 -15.11
N ARG B 41 -2.72 4.50 -14.90
CA ARG B 41 -1.64 5.49 -14.90
C ARG B 41 -0.66 5.24 -16.03
N GLY B 42 -0.31 4.00 -16.34
CA GLY B 42 0.53 3.72 -17.49
C GLY B 42 2.02 3.82 -17.20
N LEU B 43 2.47 3.36 -16.04
CA LEU B 43 3.88 3.48 -15.68
C LEU B 43 4.75 2.71 -16.67
N GLU B 44 4.30 1.57 -17.21
CA GLU B 44 5.08 0.83 -18.18
C GLU B 44 5.36 1.64 -19.45
N ILE B 45 4.38 2.43 -19.87
CA ILE B 45 4.54 3.31 -21.05
C ILE B 45 5.57 4.38 -20.72
N ILE B 46 5.44 4.96 -19.53
CA ILE B 46 6.34 6.06 -19.12
C ILE B 46 7.77 5.60 -19.02
N LEU B 47 8.04 4.34 -18.67
CA LEU B 47 9.39 3.87 -18.49
C LEU B 47 10.13 3.69 -19.80
N LYS B 48 9.42 3.54 -20.92
CA LYS B 48 10.13 3.18 -22.14
C LYS B 48 11.19 4.21 -22.48
N GLY B 49 12.38 3.74 -22.80
CA GLY B 49 13.43 4.65 -23.28
C GLY B 49 14.32 5.19 -22.19
N ARG B 50 13.93 4.98 -20.95
CA ARG B 50 14.68 5.60 -19.83
C ARG B 50 15.84 4.73 -19.40
N ASP B 51 16.70 5.29 -18.54
CA ASP B 51 17.84 4.60 -17.95
C ASP B 51 17.34 3.46 -17.04
N PRO B 52 17.76 2.21 -17.21
CA PRO B 52 17.28 1.14 -16.32
C PRO B 52 17.54 1.44 -14.83
N ARG B 53 18.56 2.20 -14.47
CA ARG B 53 18.77 2.56 -13.07
C ARG B 53 17.62 3.40 -12.50
N ASP B 54 16.86 4.08 -13.34
CA ASP B 54 15.80 4.95 -12.88
C ASP B 54 14.50 4.18 -12.63
N ALA B 55 14.42 2.93 -13.17
CA ALA B 55 13.15 2.25 -13.09
C ALA B 55 12.64 2.11 -11.65
N GLN B 56 13.49 1.71 -10.71
CA GLN B 56 12.96 1.45 -9.34
C GLN B 56 12.34 2.69 -8.72
N HIS B 57 12.79 3.91 -9.07
CA HIS B 57 12.23 5.12 -8.47
C HIS B 57 10.83 5.36 -8.99
N PHE B 58 10.63 5.12 -10.30
CA PHE B 58 9.27 5.21 -10.88
C PHE B 58 8.37 4.09 -10.40
N THR B 59 8.87 2.84 -10.45
CA THR B 59 7.95 1.78 -10.12
C THR B 59 7.62 1.68 -8.64
N GLN B 60 8.46 2.20 -7.76
CA GLN B 60 8.07 2.25 -6.36
C GLN B 60 6.75 3.03 -6.21
N ARG B 61 6.55 4.04 -7.08
CA ARG B 61 5.31 4.82 -7.04
C ARG B 61 4.15 4.08 -7.66
N THR B 62 4.35 2.80 -8.01
CA THR B 62 3.16 1.96 -8.27
C THR B 62 2.21 1.95 -7.08
N CYS B 63 2.81 1.91 -5.85
CA CYS B 63 1.99 1.76 -4.65
C CYS B 63 2.71 2.24 -3.41
N GLY B 64 2.06 3.05 -2.59
CA GLY B 64 2.62 3.56 -1.34
C GLY B 64 2.13 2.76 -0.15
N VAL B 65 1.22 1.81 -0.35
CA VAL B 65 0.79 0.90 0.71
C VAL B 65 1.83 -0.19 0.78
N CYS B 66 1.98 -0.92 -0.34
CA CYS B 66 3.09 -1.86 -0.48
C CYS B 66 4.29 -1.08 -1.00
N THR B 67 4.61 -0.01 -0.27
CA THR B 67 5.83 0.75 -0.56
C THR B 67 7.02 -0.21 -0.44
N TYR B 68 8.15 0.20 -1.01
CA TYR B 68 9.40 -0.54 -1.07
C TYR B 68 9.32 -1.75 -2.01
N THR B 69 8.23 -2.50 -1.98
CA THR B 69 8.20 -3.78 -2.69
C THR B 69 8.53 -3.63 -4.18
N HIS B 70 8.07 -2.55 -4.82
CA HIS B 70 8.36 -2.41 -6.23
C HIS B 70 9.76 -1.89 -6.50
N ALA B 71 10.29 -1.08 -5.58
CA ALA B 71 11.68 -0.70 -5.72
C ALA B 71 12.53 -1.98 -5.63
N LEU B 72 12.18 -2.85 -4.71
CA LEU B 72 12.94 -4.10 -4.52
C LEU B 72 12.78 -4.97 -5.77
N ALA B 73 11.57 -5.08 -6.32
CA ALA B 73 11.39 -5.91 -7.51
C ALA B 73 12.16 -5.33 -8.69
N SER B 74 12.11 -4.01 -8.89
CA SER B 74 12.84 -3.46 -10.05
C SER B 74 14.34 -3.59 -9.85
N THR B 75 14.80 -3.41 -8.61
CA THR B 75 16.24 -3.50 -8.36
C THR B 75 16.64 -4.96 -8.54
N ARG B 76 15.85 -5.94 -8.06
CA ARG B 76 16.18 -7.33 -8.34
C ARG B 76 16.20 -7.60 -9.84
N CYS B 77 15.26 -6.96 -10.54
CA CYS B 77 15.14 -7.19 -11.98
C CYS B 77 16.39 -6.65 -12.68
N VAL B 78 16.81 -5.42 -12.34
CA VAL B 78 17.97 -4.82 -13.03
C VAL B 78 19.27 -5.49 -12.54
N ASP B 79 19.38 -5.85 -11.28
CA ASP B 79 20.50 -6.62 -10.76
C ASP B 79 20.64 -7.88 -11.64
N ASN B 80 19.51 -8.57 -11.90
CA ASN B 80 19.52 -9.79 -12.66
C ASN B 80 19.95 -9.51 -14.09
N ALA B 81 19.42 -8.42 -14.66
CA ALA B 81 19.73 -8.14 -16.07
C ALA B 81 21.20 -7.87 -16.29
N VAL B 82 21.83 -7.18 -15.34
CA VAL B 82 23.25 -6.84 -15.51
C VAL B 82 24.13 -7.94 -14.93
N GLY B 83 23.56 -8.96 -14.31
CA GLY B 83 24.33 -10.11 -13.82
C GLY B 83 25.13 -9.83 -12.55
N VAL B 84 24.72 -8.85 -11.74
CA VAL B 84 25.44 -8.55 -10.51
C VAL B 84 24.90 -9.45 -9.40
N HIS B 85 25.87 -9.88 -8.59
CA HIS B 85 25.55 -10.68 -7.40
C HIS B 85 25.82 -9.80 -6.19
N ILE B 86 24.77 -9.30 -5.57
CA ILE B 86 24.99 -8.28 -4.54
C ILE B 86 25.60 -8.92 -3.29
N PRO B 87 26.26 -8.13 -2.45
CA PRO B 87 26.87 -8.64 -1.23
C PRO B 87 25.83 -9.20 -0.27
N LYS B 88 26.32 -10.14 0.56
CA LYS B 88 25.47 -10.78 1.55
C LYS B 88 24.73 -9.76 2.42
N ASN B 89 25.43 -8.69 2.82
CA ASN B 89 24.79 -7.68 3.66
C ASN B 89 23.67 -6.92 2.93
N ALA B 90 23.82 -6.73 1.60
CA ALA B 90 22.74 -6.08 0.85
C ALA B 90 21.51 -6.97 0.86
N THR B 91 21.74 -8.29 0.71
CA THR B 91 20.61 -9.24 0.79
C THR B 91 19.98 -9.16 2.17
N TYR B 92 20.80 -9.18 3.23
CA TYR B 92 20.23 -9.10 4.59
C TYR B 92 19.43 -7.81 4.75
N ILE B 93 20.03 -6.69 4.38
CA ILE B 93 19.34 -5.41 4.66
C ILE B 93 18.07 -5.30 3.85
N ARG B 94 18.14 -5.66 2.57
CA ARG B 94 16.91 -5.65 1.75
C ARG B 94 15.85 -6.57 2.33
N ASN B 95 16.27 -7.77 2.78
CA ASN B 95 15.34 -8.73 3.36
C ASN B 95 14.71 -8.22 4.66
N LEU B 96 15.51 -7.56 5.51
CA LEU B 96 15.00 -7.05 6.79
C LEU B 96 13.98 -5.94 6.54
N VAL B 97 14.28 -5.06 5.58
CA VAL B 97 13.30 -3.99 5.31
C VAL B 97 12.02 -4.60 4.78
N LEU B 98 12.15 -5.65 3.97
CA LEU B 98 10.94 -6.30 3.46
C LEU B 98 10.12 -6.98 4.55
N GLY B 99 10.80 -7.61 5.50
CA GLY B 99 10.09 -8.28 6.61
C GLY B 99 9.35 -7.20 7.41
N ALA B 100 10.00 -6.06 7.60
CA ALA B 100 9.34 -4.99 8.36
C ALA B 100 8.14 -4.49 7.56
N GLN B 101 8.22 -4.45 6.25
CA GLN B 101 7.08 -4.02 5.45
C GLN B 101 5.90 -4.96 5.62
N TYR B 102 6.17 -6.27 5.62
CA TYR B 102 5.06 -7.18 5.82
C TYR B 102 4.32 -6.95 7.14
N LEU B 103 5.07 -6.68 8.21
CA LEU B 103 4.43 -6.54 9.55
C LEU B 103 3.58 -5.27 9.53
N HIS B 104 4.13 -4.17 9.03
CA HIS B 104 3.36 -2.92 8.96
C HIS B 104 2.08 -3.11 8.15
N ASP B 105 2.29 -3.70 6.96
CA ASP B 105 1.18 -3.80 5.99
C ASP B 105 0.05 -4.67 6.52
N HIS B 106 0.39 -5.87 7.02
CA HIS B 106 -0.68 -6.77 7.51
C HIS B 106 -1.36 -6.22 8.75
N ILE B 107 -0.63 -5.55 9.66
CA ILE B 107 -1.31 -5.02 10.86
C ILE B 107 -2.32 -3.96 10.46
N VAL B 108 -1.91 -3.04 9.59
CA VAL B 108 -2.86 -2.01 9.12
C VAL B 108 -3.98 -2.63 8.31
N HIS B 109 -3.68 -3.68 7.51
CA HIS B 109 -4.82 -4.28 6.79
C HIS B 109 -5.87 -4.85 7.74
N PHE B 110 -5.43 -5.66 8.73
CA PHE B 110 -6.45 -6.27 9.57
C PHE B 110 -7.29 -5.25 10.32
N TYR B 111 -6.60 -4.29 10.97
CA TYR B 111 -7.36 -3.33 11.79
C TYR B 111 -8.03 -2.25 10.96
N HIS B 112 -7.25 -1.57 10.11
CA HIS B 112 -7.74 -0.30 9.54
C HIS B 112 -8.44 -0.51 8.23
N LEU B 113 -8.20 -1.64 7.57
CA LEU B 113 -8.95 -1.89 6.32
C LEU B 113 -10.01 -2.95 6.49
N HIS B 114 -9.71 -4.06 7.14
CA HIS B 114 -10.65 -5.19 7.17
C HIS B 114 -11.65 -5.13 8.33
N ALA B 115 -11.18 -4.74 9.52
CA ALA B 115 -11.97 -5.01 10.72
C ALA B 115 -13.32 -4.30 10.75
N LEU B 116 -13.51 -3.15 10.10
CA LEU B 116 -14.84 -2.50 10.11
C LEU B 116 -15.89 -3.31 9.37
N ASP B 117 -15.50 -4.35 8.65
CA ASP B 117 -16.46 -5.31 8.08
C ASP B 117 -17.04 -6.25 9.14
N PHE B 118 -16.44 -6.33 10.32
CA PHE B 118 -16.77 -7.35 11.32
C PHE B 118 -17.03 -6.74 12.69
N VAL B 119 -16.51 -5.54 12.92
CA VAL B 119 -16.63 -4.83 14.18
C VAL B 119 -17.62 -3.67 14.08
N ASP B 120 -18.58 -3.67 14.99
CA ASP B 120 -19.50 -2.55 15.15
C ASP B 120 -18.91 -1.64 16.22
N VAL B 121 -18.24 -0.58 15.77
CA VAL B 121 -17.60 0.35 16.68
C VAL B 121 -18.62 1.02 17.58
N THR B 122 -19.78 1.38 17.04
CA THR B 122 -20.70 2.08 17.95
C THR B 122 -21.30 1.14 19.00
N ALA B 123 -21.38 -0.17 18.75
CA ALA B 123 -21.89 -1.07 19.80
C ALA B 123 -20.90 -1.16 20.96
N ALA B 124 -19.64 -0.79 20.74
CA ALA B 124 -18.68 -0.75 21.82
C ALA B 124 -19.08 0.16 22.98
N LEU B 125 -19.88 1.19 22.71
CA LEU B 125 -20.36 2.09 23.75
C LEU B 125 -21.25 1.39 24.76
N LYS B 126 -21.92 0.31 24.39
CA LYS B 126 -22.85 -0.39 25.28
C LYS B 126 -22.11 -1.42 26.11
N ALA B 127 -20.82 -1.60 25.82
CA ALA B 127 -20.11 -2.70 26.50
C ALA B 127 -19.91 -2.44 27.98
N ASP B 128 -19.76 -3.56 28.68
CA ASP B 128 -19.27 -3.53 30.07
C ASP B 128 -17.76 -3.58 30.05
N PRO B 129 -17.05 -2.53 30.40
CA PRO B 129 -15.58 -2.59 30.24
C PRO B 129 -14.95 -3.60 31.19
N ALA B 130 -15.59 -3.86 32.34
CA ALA B 130 -14.94 -4.84 33.22
C ALA B 130 -15.00 -6.22 32.58
N LYS B 131 -16.15 -6.56 32.00
CA LYS B 131 -16.30 -7.87 31.33
C LYS B 131 -15.38 -7.98 30.13
N ALA B 132 -15.33 -6.86 29.44
CA ALA B 132 -14.48 -6.79 28.23
C ALA B 132 -13.04 -7.04 28.64
N ALA B 133 -12.59 -6.48 29.75
CA ALA B 133 -11.19 -6.59 30.17
C ALA B 133 -10.85 -8.02 30.52
N LYS B 134 -11.79 -8.72 31.15
CA LYS B 134 -11.62 -10.13 31.47
C LYS B 134 -11.46 -10.94 30.19
N VAL B 135 -12.29 -10.61 29.20
CA VAL B 135 -12.21 -11.32 27.92
C VAL B 135 -10.85 -11.03 27.28
N ALA B 136 -10.45 -9.77 27.23
CA ALA B 136 -9.19 -9.46 26.59
C ALA B 136 -8.02 -10.14 27.28
N SER B 137 -8.13 -10.21 28.61
CA SER B 137 -7.01 -10.78 29.38
C SER B 137 -6.95 -12.30 29.28
N SER B 138 -8.07 -12.90 28.84
CA SER B 138 -8.12 -14.35 28.73
C SER B 138 -7.58 -14.82 27.38
N ILE B 139 -7.43 -13.91 26.41
CA ILE B 139 -6.99 -14.33 25.08
C ILE B 139 -5.55 -13.96 24.82
N SER B 140 -4.94 -13.23 25.73
CA SER B 140 -3.60 -12.72 25.51
C SER B 140 -2.76 -12.74 26.76
N PRO B 141 -1.46 -12.91 26.71
CA PRO B 141 -0.66 -12.75 27.94
C PRO B 141 -0.70 -11.30 28.41
N ARG B 142 -1.03 -10.38 27.51
CA ARG B 142 -1.15 -8.99 27.95
C ARG B 142 -2.43 -8.76 28.77
N LYS B 143 -2.24 -8.33 30.01
CA LYS B 143 -3.35 -7.98 30.88
C LYS B 143 -3.89 -6.59 30.59
N THR B 144 -5.18 -6.56 30.39
CA THR B 144 -5.97 -5.38 30.15
C THR B 144 -6.92 -5.16 31.31
N THR B 145 -7.08 -3.94 31.85
CA THR B 145 -8.03 -3.72 32.95
C THR B 145 -9.28 -2.99 32.50
N ALA B 146 -10.29 -3.00 33.35
CA ALA B 146 -11.55 -2.31 33.09
C ALA B 146 -11.24 -0.84 32.83
N ALA B 147 -10.33 -0.24 33.60
CA ALA B 147 -10.02 1.17 33.44
C ALA B 147 -9.44 1.48 32.05
N ASP B 148 -8.60 0.54 31.57
CA ASP B 148 -7.98 0.65 30.27
C ASP B 148 -9.04 0.80 29.20
N LEU B 149 -10.03 -0.11 29.29
CA LEU B 149 -11.04 -0.10 28.23
C LEU B 149 -12.07 0.98 28.41
N LYS B 150 -12.30 1.33 29.67
CA LYS B 150 -13.18 2.49 29.89
C LYS B 150 -12.57 3.73 29.27
N ALA B 151 -11.27 3.94 29.28
CA ALA B 151 -10.70 5.14 28.65
C ALA B 151 -11.05 5.20 27.17
N VAL B 152 -10.99 4.04 26.52
CA VAL B 152 -11.32 4.00 25.10
C VAL B 152 -12.78 4.30 24.89
N GLN B 153 -13.60 3.67 25.75
CA GLN B 153 -15.05 3.90 25.66
C GLN B 153 -15.40 5.36 25.88
N ASP B 154 -14.77 6.01 26.86
CA ASP B 154 -15.04 7.41 27.15
C ASP B 154 -14.64 8.26 25.95
N LYS B 155 -13.49 7.97 25.33
CA LYS B 155 -13.07 8.75 24.19
C LYS B 155 -14.07 8.56 23.05
N LEU B 156 -14.50 7.32 22.85
CA LEU B 156 -15.41 7.06 21.71
C LEU B 156 -16.74 7.75 21.96
N LYS B 157 -17.17 7.71 23.22
CA LYS B 157 -18.45 8.30 23.58
C LYS B 157 -18.47 9.77 23.22
N THR B 158 -17.39 10.46 23.62
CA THR B 158 -17.28 11.87 23.26
C THR B 158 -17.28 12.12 21.76
N PHE B 159 -16.57 11.29 21.03
CA PHE B 159 -16.57 11.37 19.57
C PHE B 159 -17.96 11.19 19.00
N VAL B 160 -18.67 10.14 19.40
CA VAL B 160 -19.97 9.83 18.83
C VAL B 160 -21.00 10.87 19.21
N GLU B 161 -20.98 11.33 20.46
CA GLU B 161 -22.01 12.27 20.84
C GLU B 161 -21.86 13.61 20.15
N THR B 162 -20.72 13.82 19.48
CA THR B 162 -20.55 15.09 18.79
C THR B 162 -21.41 15.13 17.53
N GLY B 163 -21.87 13.98 17.10
CA GLY B 163 -22.62 13.86 15.84
C GLY B 163 -21.67 13.79 14.67
N GLN B 164 -20.39 14.08 14.84
CA GLN B 164 -19.47 14.04 13.66
C GLN B 164 -18.79 12.70 13.64
N LEU B 165 -19.37 11.72 12.96
CA LEU B 165 -18.88 10.34 13.00
C LEU B 165 -17.68 10.16 12.08
N GLY B 166 -17.36 11.11 11.23
CA GLY B 166 -16.09 11.03 10.49
C GLY B 166 -16.02 9.77 9.66
N PRO B 167 -14.93 9.02 9.83
CA PRO B 167 -14.79 7.79 9.03
C PRO B 167 -15.88 6.77 9.28
N PHE B 168 -16.70 6.93 10.33
CA PHE B 168 -17.75 5.95 10.61
C PHE B 168 -19.07 6.37 10.02
N THR B 169 -19.12 7.51 9.34
CA THR B 169 -20.36 7.99 8.73
C THR B 169 -20.96 6.97 7.79
N ASN B 170 -22.23 6.67 7.99
CA ASN B 170 -22.98 5.77 7.10
C ASN B 170 -22.41 4.36 7.09
N ALA B 171 -21.72 4.00 8.18
CA ALA B 171 -21.14 2.67 8.14
C ALA B 171 -22.25 1.62 8.09
N TYR B 172 -21.96 0.47 7.47
CA TYR B 172 -22.97 -0.59 7.30
C TYR B 172 -23.49 -1.13 8.64
N PHE B 173 -22.74 -1.01 9.75
CA PHE B 173 -23.24 -1.49 11.06
C PHE B 173 -24.12 -0.48 11.78
N LEU B 174 -24.33 0.76 11.37
CA LEU B 174 -25.02 1.79 12.15
C LEU B 174 -26.48 1.37 12.21
N GLY B 175 -27.02 1.33 13.42
CA GLY B 175 -28.42 0.91 13.52
C GLY B 175 -28.54 -0.59 13.73
N GLY B 176 -27.39 -1.26 13.71
CA GLY B 176 -27.36 -2.72 13.72
C GLY B 176 -27.48 -3.26 12.29
N HIS B 177 -27.06 -4.51 12.11
CA HIS B 177 -26.98 -5.18 10.83
C HIS B 177 -26.97 -6.68 11.08
N PRO B 178 -27.82 -7.41 10.39
CA PRO B 178 -27.90 -8.83 10.69
C PRO B 178 -26.61 -9.60 10.43
N ALA B 179 -25.70 -9.12 9.60
CA ALA B 179 -24.48 -9.88 9.34
C ALA B 179 -23.36 -9.51 10.33
N TYR B 180 -23.60 -8.60 11.26
CA TYR B 180 -22.61 -8.23 12.29
C TYR B 180 -22.91 -9.00 13.57
N TYR B 181 -21.99 -9.82 14.06
CA TYR B 181 -22.27 -10.79 15.11
C TYR B 181 -21.65 -10.50 16.46
N LEU B 182 -20.64 -9.66 16.53
CA LEU B 182 -19.91 -9.56 17.81
C LEU B 182 -20.76 -8.96 18.93
N ASP B 183 -20.44 -9.36 20.17
CA ASP B 183 -21.10 -8.78 21.34
C ASP B 183 -20.43 -7.44 21.65
N PRO B 184 -21.04 -6.60 22.48
CA PRO B 184 -20.47 -5.27 22.73
C PRO B 184 -19.05 -5.32 23.26
N GLU B 185 -18.77 -6.30 24.13
CA GLU B 185 -17.45 -6.34 24.76
C GLU B 185 -16.39 -6.66 23.73
N THR B 186 -16.62 -7.63 22.85
CA THR B 186 -15.64 -7.93 21.81
C THR B 186 -15.48 -6.76 20.83
N ASN B 187 -16.59 -6.06 20.50
CA ASN B 187 -16.51 -4.83 19.73
C ASN B 187 -15.59 -3.82 20.41
N LEU B 188 -15.75 -3.63 21.70
CA LEU B 188 -14.87 -2.74 22.47
C LEU B 188 -13.41 -3.18 22.47
N ILE B 189 -13.12 -4.46 22.65
CA ILE B 189 -11.72 -4.90 22.57
C ILE B 189 -11.13 -4.62 21.21
N ALA B 190 -11.87 -4.92 20.13
CA ALA B 190 -11.35 -4.72 18.78
C ALA B 190 -11.12 -3.25 18.49
N THR B 191 -12.04 -2.43 18.97
CA THR B 191 -11.95 -0.98 18.75
C THR B 191 -10.78 -0.38 19.53
N ALA B 192 -10.61 -0.85 20.76
CA ALA B 192 -9.43 -0.40 21.51
C ALA B 192 -8.15 -0.76 20.75
N HIS B 193 -8.10 -1.97 20.20
CA HIS B 193 -6.89 -2.42 19.50
C HIS B 193 -6.72 -1.73 18.15
N TYR B 194 -7.81 -1.39 17.47
CA TYR B 194 -7.80 -0.58 16.24
C TYR B 194 -7.06 0.71 16.55
N LEU B 195 -7.48 1.38 17.61
CA LEU B 195 -6.89 2.68 17.98
C LEU B 195 -5.42 2.49 18.36
N GLU B 196 -5.15 1.46 19.17
CA GLU B 196 -3.77 1.21 19.54
C GLU B 196 -2.91 0.97 18.31
N ALA B 197 -3.44 0.23 17.33
CA ALA B 197 -2.72 -0.09 16.11
C ALA B 197 -2.42 1.17 15.30
N LEU B 198 -3.24 2.21 15.42
CA LEU B 198 -2.85 3.45 14.73
C LEU B 198 -1.51 3.97 15.24
N ARG B 199 -1.21 3.86 16.54
CA ARG B 199 0.12 4.35 16.94
C ARG B 199 1.20 3.28 16.76
N LEU B 200 0.83 2.00 16.92
CA LEU B 200 1.87 0.95 16.77
C LEU B 200 2.41 0.97 15.35
N GLN B 201 1.53 1.20 14.37
CA GLN B 201 2.01 1.09 12.98
C GLN B 201 3.07 2.16 12.73
N VAL B 202 3.04 3.28 13.47
CA VAL B 202 4.11 4.28 13.31
C VAL B 202 5.48 3.68 13.56
N LYS B 203 5.56 2.88 14.63
CA LYS B 203 6.78 2.15 14.99
C LYS B 203 7.15 1.10 13.96
N ALA B 204 6.15 0.33 13.53
CA ALA B 204 6.41 -0.69 12.49
C ALA B 204 7.00 -0.04 11.24
N ALA B 205 6.45 1.09 10.86
CA ALA B 205 6.96 1.75 9.63
C ALA B 205 8.33 2.36 9.84
N ARG B 206 8.52 2.91 11.04
CA ARG B 206 9.82 3.54 11.38
C ARG B 206 10.93 2.49 11.24
N ALA B 207 10.62 1.23 11.56
CA ALA B 207 11.68 0.21 11.39
C ALA B 207 12.24 0.21 9.97
N MET B 208 11.37 0.44 8.96
CA MET B 208 11.88 0.49 7.61
C MET B 208 12.77 1.69 7.34
N ALA B 209 12.53 2.83 7.98
CA ALA B 209 13.27 4.04 7.69
C ALA B 209 14.64 4.00 8.37
N VAL B 210 14.80 3.18 9.41
CA VAL B 210 16.09 3.10 10.10
C VAL B 210 17.19 2.73 9.11
N PHE B 211 16.95 1.69 8.29
CA PHE B 211 17.89 1.35 7.22
C PHE B 211 17.55 2.04 5.90
N GLY B 212 16.29 2.31 5.68
CA GLY B 212 15.79 2.58 4.33
C GLY B 212 15.45 4.03 4.08
N ALA B 213 15.89 4.96 4.92
CA ALA B 213 15.78 6.40 4.82
C ALA B 213 14.43 6.96 5.26
N LYS B 214 13.33 6.36 4.78
CA LYS B 214 12.01 6.96 5.00
C LYS B 214 10.93 5.99 4.60
N ASN B 215 9.77 6.19 5.22
CA ASN B 215 8.57 5.44 4.85
C ASN B 215 7.44 6.47 4.90
N PRO B 216 6.63 6.54 3.87
CA PRO B 216 6.68 5.74 2.66
C PRO B 216 7.78 6.12 1.68
N HIS B 217 8.07 5.18 0.80
CA HIS B 217 8.94 5.22 -0.37
C HIS B 217 10.39 5.31 0.03
N THR B 218 10.93 4.11 0.30
CA THR B 218 12.30 4.03 0.80
C THR B 218 13.31 4.50 -0.27
N GLN B 219 14.54 4.75 0.17
CA GLN B 219 15.55 5.32 -0.75
C GLN B 219 16.92 4.84 -0.27
N PHE B 220 17.16 3.52 -0.39
CA PHE B 220 18.41 2.92 0.02
C PHE B 220 18.87 1.84 -0.94
N THR B 221 18.07 1.51 -1.96
CA THR B 221 18.51 0.46 -2.86
C THR B 221 19.20 1.01 -4.10
N VAL B 222 20.20 0.28 -4.59
CA VAL B 222 20.81 0.64 -5.86
C VAL B 222 21.07 -0.65 -6.62
N VAL B 223 21.24 -0.59 -7.92
CA VAL B 223 21.78 -1.77 -8.63
C VAL B 223 23.08 -2.14 -7.94
N GLY B 224 23.25 -3.41 -7.60
CA GLY B 224 24.47 -3.88 -6.94
C GLY B 224 24.43 -3.96 -5.43
N GLY B 225 23.39 -3.43 -4.76
CA GLY B 225 23.29 -3.62 -3.31
C GLY B 225 22.44 -2.54 -2.67
N VAL B 226 22.98 -1.91 -1.64
CA VAL B 226 22.29 -0.85 -0.88
C VAL B 226 23.29 0.26 -0.59
N THR B 227 22.79 1.40 -0.14
CA THR B 227 23.64 2.59 0.04
C THR B 227 23.96 2.93 1.48
N CYS B 228 23.23 2.27 2.40
CA CYS B 228 23.11 2.72 3.78
C CYS B 228 24.23 2.18 4.64
N TYR B 229 25.43 2.81 4.52
CA TYR B 229 26.53 2.39 5.40
C TYR B 229 26.18 2.52 6.87
N ASP B 230 25.29 3.46 7.23
CA ASP B 230 24.93 3.61 8.64
C ASP B 230 24.21 2.37 9.16
N ALA B 231 23.65 1.56 8.25
CA ALA B 231 22.92 0.33 8.64
C ALA B 231 23.84 -0.72 9.25
N LEU B 232 25.15 -0.53 9.08
CA LEU B 232 26.10 -1.45 9.67
C LEU B 232 26.40 -1.11 11.13
N THR B 233 25.99 0.09 11.55
CA THR B 233 26.40 0.48 12.90
C THR B 233 25.60 -0.20 14.00
N PRO B 234 26.21 -0.46 15.13
CA PRO B 234 25.43 -1.04 16.24
C PRO B 234 24.24 -0.16 16.62
N GLN B 235 24.35 1.17 16.53
CA GLN B 235 23.25 2.04 16.95
C GLN B 235 22.02 1.87 16.07
N ARG B 236 22.25 1.83 14.74
CA ARG B 236 21.07 1.66 13.88
C ARG B 236 20.46 0.27 14.00
N ILE B 237 21.33 -0.76 14.13
CA ILE B 237 20.82 -2.13 14.30
C ILE B 237 20.01 -2.20 15.57
N ALA B 238 20.48 -1.55 16.65
CA ALA B 238 19.71 -1.61 17.90
C ALA B 238 18.38 -0.89 17.77
N GLU B 239 18.38 0.19 17.02
CA GLU B 239 17.15 0.95 16.85
C GLU B 239 16.12 0.14 16.09
N PHE B 240 16.56 -0.48 15.00
CA PHE B 240 15.73 -1.45 14.27
C PHE B 240 15.20 -2.56 15.16
N GLU B 241 16.15 -3.15 15.93
CA GLU B 241 15.77 -4.30 16.74
C GLU B 241 14.72 -3.95 17.78
N ALA B 242 14.83 -2.76 18.38
CA ALA B 242 13.84 -2.34 19.37
C ALA B 242 12.48 -2.14 18.75
N LEU B 243 12.39 -1.58 17.54
CA LEU B 243 11.10 -1.38 16.88
C LEU B 243 10.51 -2.70 16.44
N TRP B 244 11.37 -3.57 15.91
CA TRP B 244 10.93 -4.93 15.54
C TRP B 244 10.37 -5.66 16.78
N LYS B 245 11.11 -5.61 17.90
CA LYS B 245 10.64 -6.36 19.07
C LYS B 245 9.26 -5.88 19.53
N GLU B 246 9.04 -4.56 19.53
CA GLU B 246 7.74 -4.01 19.91
C GLU B 246 6.67 -4.37 18.89
N THR B 247 7.04 -4.36 17.61
CA THR B 247 6.07 -4.73 16.56
C THR B 247 5.66 -6.19 16.70
N LYS B 248 6.64 -7.07 16.91
CA LYS B 248 6.36 -8.51 17.04
C LYS B 248 5.49 -8.77 18.27
N ALA B 249 5.76 -8.04 19.36
CA ALA B 249 4.94 -8.23 20.55
C ALA B 249 3.50 -7.85 20.19
N PHE B 250 3.30 -6.78 19.41
CA PHE B 250 1.91 -6.44 19.08
C PHE B 250 1.26 -7.52 18.21
N VAL B 251 2.01 -8.05 17.25
CA VAL B 251 1.51 -9.15 16.44
C VAL B 251 1.09 -10.32 17.32
N ASP B 252 1.98 -10.72 18.24
CA ASP B 252 1.76 -11.96 18.99
C ASP B 252 0.70 -11.81 20.06
N GLU B 253 0.64 -10.59 20.65
CA GLU B 253 -0.18 -10.36 21.83
C GLU B 253 -1.50 -9.66 21.53
N VAL B 254 -1.58 -9.02 20.37
CA VAL B 254 -2.80 -8.23 20.10
C VAL B 254 -3.44 -8.69 18.81
N TYR B 255 -2.71 -8.61 17.69
CA TYR B 255 -3.31 -8.96 16.39
C TYR B 255 -3.76 -10.41 16.38
N ILE B 256 -2.87 -11.38 16.62
CA ILE B 256 -3.35 -12.76 16.43
C ILE B 256 -4.49 -13.12 17.37
N PRO B 257 -4.40 -12.83 18.66
CA PRO B 257 -5.57 -13.12 19.51
C PRO B 257 -6.86 -12.45 19.01
N ASP B 258 -6.80 -11.23 18.50
CA ASP B 258 -8.01 -10.62 17.98
C ASP B 258 -8.54 -11.32 16.76
N LEU B 259 -7.58 -11.69 15.91
CA LEU B 259 -7.91 -12.43 14.69
C LEU B 259 -8.64 -13.72 15.10
N LEU B 260 -8.14 -14.41 16.12
CA LEU B 260 -8.80 -15.67 16.46
C LEU B 260 -10.17 -15.47 17.09
N VAL B 261 -10.31 -14.42 17.91
CA VAL B 261 -11.63 -14.21 18.55
C VAL B 261 -12.65 -13.84 17.47
N VAL B 262 -12.26 -12.94 16.55
CA VAL B 262 -13.20 -12.59 15.47
C VAL B 262 -13.52 -13.80 14.61
N ALA B 263 -12.49 -14.60 14.27
CA ALA B 263 -12.72 -15.75 13.40
C ALA B 263 -13.65 -16.77 14.07
N ALA B 264 -13.51 -16.94 15.39
CA ALA B 264 -14.35 -17.90 16.11
C ALA B 264 -15.79 -17.42 16.07
N ALA B 265 -15.98 -16.09 16.07
CA ALA B 265 -17.37 -15.60 16.06
C ALA B 265 -18.01 -15.65 14.69
N TYR B 266 -17.18 -15.69 13.66
CA TYR B 266 -17.67 -15.71 12.27
C TYR B 266 -17.33 -17.01 11.57
N LYS B 267 -17.51 -18.13 12.27
CA LYS B 267 -17.04 -19.41 11.71
C LYS B 267 -17.83 -19.83 10.49
N ASP B 268 -18.99 -19.22 10.27
CA ASP B 268 -19.75 -19.48 9.04
C ASP B 268 -18.96 -19.01 7.82
N TRP B 269 -17.99 -18.14 8.04
CA TRP B 269 -17.23 -17.57 6.91
C TRP B 269 -16.20 -18.54 6.40
N THR B 270 -16.16 -19.76 6.97
CA THR B 270 -15.38 -20.82 6.35
C THR B 270 -16.12 -21.35 5.12
N GLN B 271 -17.37 -20.93 4.92
CA GLN B 271 -18.17 -21.50 3.83
C GLN B 271 -18.19 -20.66 2.56
N TYR B 272 -17.58 -19.49 2.62
CA TYR B 272 -17.61 -18.61 1.45
C TYR B 272 -16.22 -18.17 1.04
N GLY B 273 -16.12 -17.81 -0.23
CA GLY B 273 -14.92 -17.12 -0.69
C GLY B 273 -13.74 -18.03 -0.99
N GLY B 274 -13.95 -19.30 -1.28
CA GLY B 274 -12.87 -20.18 -1.65
C GLY B 274 -12.46 -20.02 -3.12
N THR B 275 -11.28 -20.55 -3.44
CA THR B 275 -10.66 -20.49 -4.77
C THR B 275 -9.96 -21.82 -5.07
N ASP B 276 -9.60 -22.01 -6.32
CA ASP B 276 -9.11 -23.31 -6.75
C ASP B 276 -7.59 -23.40 -6.84
N ASN B 277 -6.94 -22.36 -7.31
CA ASN B 277 -5.56 -22.41 -7.76
C ASN B 277 -4.75 -21.29 -7.08
N PHE B 278 -3.47 -21.64 -6.82
CA PHE B 278 -2.57 -20.83 -6.06
C PHE B 278 -1.17 -20.72 -6.63
N ILE B 279 -0.60 -19.52 -6.58
CA ILE B 279 0.77 -19.35 -7.03
C ILE B 279 1.53 -18.47 -6.05
N THR B 280 2.81 -18.77 -5.86
CA THR B 280 3.61 -17.97 -4.91
C THR B 280 5.05 -18.00 -5.38
N PHE B 281 5.82 -16.94 -5.14
CA PHE B 281 7.17 -16.88 -5.73
C PHE B 281 8.26 -17.15 -4.71
N GLY B 282 7.92 -17.28 -3.44
CA GLY B 282 8.95 -17.41 -2.39
C GLY B 282 9.55 -16.07 -1.98
N GLU B 283 10.12 -15.98 -0.76
CA GLU B 283 10.71 -14.71 -0.35
C GLU B 283 11.76 -14.93 0.74
N PHE B 284 12.67 -13.96 0.78
CA PHE B 284 13.77 -13.88 1.76
C PHE B 284 14.91 -14.83 1.34
N PRO B 285 15.57 -14.48 0.25
CA PRO B 285 16.61 -15.36 -0.29
C PRO B 285 17.91 -15.35 0.51
N LYS B 286 18.60 -16.49 0.42
CA LYS B 286 20.02 -16.57 0.69
C LYS B 286 20.83 -16.31 -0.57
N ASP B 287 20.28 -16.69 -1.73
CA ASP B 287 20.90 -16.56 -3.05
C ASP B 287 19.92 -15.83 -3.96
N GLU B 288 20.31 -14.65 -4.43
CA GLU B 288 19.41 -13.82 -5.23
C GLU B 288 19.03 -14.46 -6.54
N TYR B 289 19.75 -15.51 -6.94
CA TYR B 289 19.54 -16.14 -8.22
C TYR B 289 18.85 -17.49 -8.08
N ASP B 290 18.43 -17.86 -6.88
CA ASP B 290 17.83 -19.16 -6.65
C ASP B 290 16.60 -18.99 -5.77
N LEU B 291 15.41 -19.06 -6.39
CA LEU B 291 14.18 -18.91 -5.63
C LEU B 291 14.11 -19.99 -4.57
N ASN B 292 14.69 -21.16 -4.79
CA ASN B 292 14.50 -22.24 -3.83
C ASN B 292 15.39 -22.06 -2.60
N SER B 293 16.20 -20.97 -2.61
CA SER B 293 16.99 -20.59 -1.47
C SER B 293 16.22 -19.70 -0.51
N ARG B 294 14.98 -19.38 -0.85
CA ARG B 294 14.22 -18.44 -0.03
C ARG B 294 13.59 -19.13 1.15
N PHE B 295 13.36 -18.40 2.24
CA PHE B 295 12.76 -18.98 3.43
C PHE B 295 11.37 -19.54 3.16
N PHE B 296 10.59 -18.84 2.35
CA PHE B 296 9.37 -19.39 1.76
C PHE B 296 9.74 -19.72 0.32
N LYS B 297 9.37 -20.90 -0.15
CA LYS B 297 9.73 -21.34 -1.48
C LYS B 297 8.62 -21.09 -2.50
N PRO B 298 8.96 -20.93 -3.77
CA PRO B 298 7.90 -20.78 -4.78
C PRO B 298 7.11 -22.06 -5.00
N GLY B 299 5.97 -21.95 -5.66
CA GLY B 299 5.25 -23.17 -6.02
C GLY B 299 3.94 -22.79 -6.70
N VAL B 300 3.33 -23.80 -7.30
CA VAL B 300 2.06 -23.64 -8.01
C VAL B 300 1.14 -24.80 -7.66
N VAL B 301 -0.12 -24.51 -7.38
CA VAL B 301 -1.07 -25.57 -7.04
C VAL B 301 -2.34 -25.38 -7.86
N PHE B 302 -2.78 -26.44 -8.50
CA PHE B 302 -4.05 -26.42 -9.23
C PHE B 302 -5.12 -27.22 -8.48
N LYS B 303 -6.32 -26.67 -8.45
CA LYS B 303 -7.48 -27.36 -7.92
C LYS B 303 -7.23 -27.95 -6.54
N ARG B 304 -6.56 -27.18 -5.68
CA ARG B 304 -6.26 -27.48 -4.29
C ARG B 304 -5.54 -28.82 -4.14
N ASP B 305 -4.79 -29.21 -5.16
CA ASP B 305 -4.04 -30.47 -5.01
C ASP B 305 -2.66 -30.21 -4.41
N PHE B 306 -2.56 -30.12 -3.09
CA PHE B 306 -1.34 -29.71 -2.38
C PHE B 306 -0.39 -30.88 -2.21
N LYS B 307 -0.83 -32.08 -2.56
CA LYS B 307 0.09 -33.21 -2.61
C LYS B 307 0.90 -33.18 -3.90
N ASN B 308 0.47 -32.41 -4.89
CA ASN B 308 1.19 -32.27 -6.16
C ASN B 308 1.59 -30.84 -6.47
N ILE B 309 2.40 -30.25 -5.59
CA ILE B 309 2.85 -28.88 -5.86
C ILE B 309 3.71 -28.92 -7.11
N LYS B 310 3.47 -28.01 -8.04
CA LYS B 310 4.22 -27.96 -9.29
C LYS B 310 5.31 -26.91 -9.17
N PRO B 311 6.44 -27.13 -9.85
CA PRO B 311 7.43 -26.07 -9.87
C PRO B 311 6.86 -24.84 -10.55
N PHE B 312 7.37 -23.68 -10.14
CA PHE B 312 7.01 -22.45 -10.82
C PHE B 312 7.86 -22.24 -12.07
N ASP B 313 7.28 -22.24 -13.26
CA ASP B 313 7.95 -21.97 -14.52
C ASP B 313 7.59 -20.56 -14.98
N LYS B 314 8.52 -19.62 -14.91
CA LYS B 314 8.19 -18.22 -15.18
C LYS B 314 7.78 -18.01 -16.63
N MET B 315 7.97 -18.98 -17.50
CA MET B 315 7.61 -18.80 -18.91
C MET B 315 6.15 -19.14 -19.18
N GLN B 316 5.45 -19.67 -18.15
CA GLN B 316 4.06 -20.04 -18.30
C GLN B 316 3.08 -18.95 -17.91
N ILE B 317 3.59 -17.75 -17.66
CA ILE B 317 2.77 -16.58 -17.34
C ILE B 317 2.39 -15.90 -18.64
N GLU B 318 1.08 -15.69 -18.84
CA GLU B 318 0.68 -14.79 -19.91
C GLU B 318 -0.39 -13.82 -19.38
N GLU B 319 -0.37 -12.56 -19.83
CA GLU B 319 -1.37 -11.56 -19.41
C GLU B 319 -2.36 -11.32 -20.52
N HIS B 320 -3.62 -11.63 -20.21
CA HIS B 320 -4.70 -11.46 -21.14
C HIS B 320 -5.24 -10.03 -21.16
N VAL B 321 -5.81 -9.66 -22.31
CA VAL B 321 -6.45 -8.36 -22.45
C VAL B 321 -7.85 -8.45 -23.06
N ARG B 322 -8.34 -9.62 -23.43
CA ARG B 322 -9.66 -9.72 -24.09
C ARG B 322 -10.76 -9.03 -23.30
N HIS B 323 -10.72 -9.08 -21.95
CA HIS B 323 -11.78 -8.44 -21.16
C HIS B 323 -11.27 -7.17 -20.47
N SER B 324 -10.16 -6.63 -20.97
CA SER B 324 -9.52 -5.46 -20.40
C SER B 324 -9.53 -4.32 -21.40
N TRP B 325 -9.32 -3.10 -20.91
CA TRP B 325 -9.33 -1.93 -21.81
C TRP B 325 -7.98 -1.69 -22.47
N TYR B 326 -7.56 -2.70 -23.24
CA TYR B 326 -6.38 -2.58 -24.08
C TYR B 326 -6.71 -3.09 -25.46
N GLU B 327 -5.81 -2.77 -26.40
CA GLU B 327 -6.03 -3.17 -27.79
C GLU B 327 -6.07 -4.68 -28.00
N GLY B 328 -7.09 -5.18 -28.73
CA GLY B 328 -7.06 -6.55 -29.19
C GLY B 328 -7.40 -7.53 -28.08
N ALA B 329 -6.90 -8.75 -28.30
CA ALA B 329 -7.29 -9.86 -27.49
C ALA B 329 -6.10 -10.78 -27.22
N GLU B 330 -4.91 -10.39 -27.61
CA GLU B 330 -3.79 -11.35 -27.51
C GLU B 330 -3.09 -11.32 -26.15
N ALA B 331 -3.03 -12.46 -25.45
CA ALA B 331 -2.26 -12.59 -24.22
C ALA B 331 -0.77 -12.59 -24.48
N ARG B 332 0.03 -12.03 -23.57
CA ARG B 332 1.46 -11.94 -23.81
C ARG B 332 2.24 -12.35 -22.58
N HIS B 333 3.30 -13.10 -22.79
CA HIS B 333 4.34 -13.24 -21.76
C HIS B 333 4.96 -11.86 -21.47
N PRO B 334 5.24 -11.49 -20.24
CA PRO B 334 5.74 -10.14 -19.94
C PRO B 334 7.04 -9.75 -20.62
N TRP B 335 7.93 -10.67 -21.04
CA TRP B 335 9.09 -10.24 -21.83
C TRP B 335 8.70 -9.86 -23.28
N LYS B 336 7.45 -10.11 -23.65
CA LYS B 336 6.83 -9.67 -24.88
C LYS B 336 5.56 -8.86 -24.58
N GLY B 337 5.53 -8.20 -23.41
CA GLY B 337 4.33 -7.50 -22.99
C GLY B 337 4.00 -6.30 -23.86
N GLN B 338 2.72 -5.93 -23.79
CA GLN B 338 2.20 -4.76 -24.49
C GLN B 338 1.27 -4.00 -23.56
N THR B 339 1.37 -2.68 -23.58
CA THR B 339 0.45 -1.87 -22.76
C THR B 339 -0.09 -0.74 -23.63
N GLN B 340 -1.21 -1.08 -24.26
CA GLN B 340 -1.81 -0.30 -25.34
C GLN B 340 -3.26 0.03 -24.95
N PRO B 341 -3.46 1.08 -24.16
CA PRO B 341 -4.80 1.35 -23.64
C PRO B 341 -5.80 1.63 -24.76
N LYS B 342 -7.02 1.17 -24.50
CA LYS B 342 -8.11 1.44 -25.43
C LYS B 342 -9.38 1.21 -24.61
N TYR B 343 -10.02 2.33 -24.27
CA TYR B 343 -11.18 2.26 -23.38
C TYR B 343 -12.47 2.04 -24.13
N THR B 344 -13.32 1.16 -23.62
CA THR B 344 -14.60 0.92 -24.27
C THR B 344 -15.78 1.14 -23.33
N ASP B 345 -15.53 1.65 -22.12
CA ASP B 345 -16.52 1.85 -21.09
C ASP B 345 -16.93 0.50 -20.50
N LEU B 346 -17.76 0.54 -19.46
CA LEU B 346 -18.09 -0.67 -18.70
C LEU B 346 -18.82 -1.70 -19.55
N HIS B 347 -18.20 -2.86 -19.80
CA HIS B 347 -18.74 -3.96 -20.56
C HIS B 347 -18.80 -3.63 -22.05
N GLY B 348 -18.17 -2.55 -22.49
CA GLY B 348 -18.13 -2.25 -23.93
C GLY B 348 -17.29 -3.32 -24.60
N ASP B 349 -17.83 -4.08 -25.55
CA ASP B 349 -17.08 -5.17 -26.16
C ASP B 349 -16.59 -6.17 -25.11
N ASP B 350 -17.38 -6.35 -24.06
CA ASP B 350 -17.13 -7.32 -23.00
C ASP B 350 -15.86 -7.00 -22.24
N ARG B 351 -15.47 -5.73 -22.17
CA ARG B 351 -14.27 -5.31 -21.41
C ARG B 351 -14.68 -4.46 -20.23
N TYR B 352 -14.04 -4.64 -19.09
CA TYR B 352 -14.57 -3.93 -17.91
C TYR B 352 -13.51 -3.62 -16.88
N SER B 353 -12.24 -3.66 -17.24
CA SER B 353 -11.21 -3.30 -16.25
C SER B 353 -9.91 -2.79 -16.87
N TRP B 354 -9.18 -1.95 -16.14
CA TRP B 354 -7.85 -1.52 -16.57
C TRP B 354 -6.80 -2.54 -16.17
N MET B 355 -7.17 -3.56 -15.36
CA MET B 355 -6.19 -4.60 -15.11
C MET B 355 -6.16 -5.59 -16.26
N LYS B 356 -4.94 -6.07 -16.59
CA LYS B 356 -4.79 -7.28 -17.42
C LYS B 356 -5.15 -8.50 -16.60
N ALA B 357 -5.26 -9.65 -17.26
CA ALA B 357 -5.69 -10.88 -16.59
C ALA B 357 -4.57 -11.89 -16.69
N PRO B 358 -3.69 -11.97 -15.70
CA PRO B 358 -2.60 -12.95 -15.79
C PRO B 358 -3.16 -14.36 -15.61
N ARG B 359 -2.63 -15.28 -16.35
CA ARG B 359 -3.02 -16.69 -16.25
C ARG B 359 -1.76 -17.50 -16.27
N TYR B 360 -1.73 -18.57 -15.51
CA TYR B 360 -0.58 -19.46 -15.42
C TYR B 360 -0.97 -20.80 -16.06
N MET B 361 -0.29 -21.24 -17.11
CA MET B 361 -0.74 -22.38 -17.89
C MET B 361 -2.25 -22.25 -18.20
N GLY B 362 -2.72 -21.03 -18.48
CA GLY B 362 -4.09 -20.69 -18.80
C GLY B 362 -5.07 -20.61 -17.63
N GLU B 363 -4.60 -20.79 -16.40
CA GLU B 363 -5.51 -20.81 -15.25
C GLU B 363 -5.42 -19.56 -14.39
N PRO B 364 -6.53 -19.17 -13.78
CA PRO B 364 -6.54 -18.04 -12.84
C PRO B 364 -6.00 -18.51 -11.49
N MET B 365 -5.09 -17.73 -10.91
CA MET B 365 -4.36 -18.12 -9.71
C MET B 365 -4.53 -17.08 -8.62
N GLU B 366 -4.97 -17.54 -7.45
CA GLU B 366 -4.86 -16.71 -6.24
C GLU B 366 -3.40 -16.61 -5.83
N THR B 367 -3.03 -15.38 -5.47
CA THR B 367 -1.70 -15.23 -4.81
C THR B 367 -1.90 -14.40 -3.54
N GLY B 368 -0.84 -14.33 -2.72
CA GLY B 368 -0.95 -13.63 -1.44
C GLY B 368 -0.79 -14.60 -0.27
N PRO B 369 -1.14 -14.12 0.92
CA PRO B 369 -0.84 -14.87 2.14
C PRO B 369 -1.42 -16.28 2.13
N LEU B 370 -2.63 -16.49 1.62
CA LEU B 370 -3.18 -17.87 1.64
C LEU B 370 -2.35 -18.76 0.71
N ALA B 371 -1.94 -18.27 -0.45
CA ALA B 371 -1.07 -19.08 -1.31
C ALA B 371 0.29 -19.34 -0.66
N GLN B 372 0.89 -18.30 -0.07
CA GLN B 372 2.23 -18.48 0.52
C GLN B 372 2.17 -19.47 1.67
N VAL B 373 1.16 -19.30 2.50
CA VAL B 373 1.05 -20.19 3.67
C VAL B 373 0.70 -21.61 3.27
N LEU B 374 -0.29 -21.81 2.40
CA LEU B 374 -0.66 -23.20 2.10
C LEU B 374 0.45 -23.94 1.38
N ILE B 375 1.13 -23.24 0.49
CA ILE B 375 2.22 -23.89 -0.27
C ILE B 375 3.40 -24.18 0.64
N ALA B 376 3.78 -23.22 1.49
CA ALA B 376 4.83 -23.48 2.49
C ALA B 376 4.45 -24.66 3.36
N TYR B 377 3.23 -24.66 3.89
CA TYR B 377 2.78 -25.75 4.76
C TYR B 377 3.04 -27.07 4.06
N SER B 378 2.56 -27.15 2.83
CA SER B 378 2.63 -28.36 2.04
C SER B 378 4.02 -28.78 1.59
N GLN B 379 4.92 -27.82 1.64
CA GLN B 379 6.34 -28.06 1.49
C GLN B 379 7.02 -28.49 2.79
N GLY B 380 6.28 -28.58 3.90
CA GLY B 380 6.90 -29.03 5.14
C GLY B 380 7.58 -27.91 5.91
N HIS B 381 7.26 -26.66 5.60
CA HIS B 381 7.88 -25.53 6.33
C HIS B 381 7.57 -25.64 7.81
N PRO B 382 8.57 -25.81 8.65
CA PRO B 382 8.23 -26.14 10.06
C PRO B 382 7.58 -24.99 10.81
N LYS B 383 8.00 -23.74 10.60
CA LYS B 383 7.34 -22.64 11.31
C LYS B 383 5.93 -22.41 10.81
N VAL B 384 5.72 -22.45 9.48
CA VAL B 384 4.36 -22.27 8.96
C VAL B 384 3.48 -23.40 9.47
N LYS B 385 3.98 -24.63 9.49
CA LYS B 385 3.13 -25.76 9.97
C LYS B 385 2.74 -25.56 11.43
N ALA B 386 3.71 -25.18 12.26
CA ALA B 386 3.43 -25.06 13.70
C ALA B 386 2.39 -23.98 13.95
N VAL B 387 2.54 -22.83 13.27
CA VAL B 387 1.58 -21.77 13.56
C VAL B 387 0.23 -22.14 12.98
N THR B 388 0.19 -22.65 11.75
CA THR B 388 -1.09 -23.01 11.09
C THR B 388 -1.82 -24.05 11.91
N ASP B 389 -1.09 -25.07 12.35
CA ASP B 389 -1.74 -26.12 13.16
C ASP B 389 -2.32 -25.56 14.45
N ALA B 390 -1.59 -24.65 15.09
CA ALA B 390 -2.11 -24.08 16.35
C ALA B 390 -3.37 -23.25 16.11
N VAL B 391 -3.37 -22.46 15.03
CA VAL B 391 -4.53 -21.66 14.66
C VAL B 391 -5.71 -22.59 14.40
N LEU B 392 -5.53 -23.64 13.57
CA LEU B 392 -6.64 -24.55 13.34
C LEU B 392 -7.08 -25.22 14.64
N ALA B 393 -6.15 -25.57 15.54
CA ALA B 393 -6.63 -26.23 16.75
C ALA B 393 -7.41 -25.26 17.61
N LYS B 394 -6.93 -24.01 17.64
CA LYS B 394 -7.66 -23.05 18.46
C LYS B 394 -9.08 -22.87 17.94
N LEU B 395 -9.22 -22.74 16.63
CA LEU B 395 -10.52 -22.50 16.04
C LEU B 395 -11.39 -23.75 15.97
N GLY B 396 -10.84 -24.92 16.25
CA GLY B 396 -11.59 -26.15 16.28
C GLY B 396 -12.06 -26.51 14.87
N VAL B 397 -11.28 -26.17 13.84
CA VAL B 397 -11.64 -26.50 12.46
C VAL B 397 -10.59 -27.33 11.74
N GLY B 398 -10.97 -27.95 10.63
CA GLY B 398 -10.01 -28.73 9.86
C GLY B 398 -9.33 -27.88 8.80
N PRO B 399 -8.34 -28.44 8.11
CA PRO B 399 -7.59 -27.67 7.13
C PRO B 399 -8.47 -27.18 5.99
N GLU B 400 -9.54 -27.89 5.65
CA GLU B 400 -10.46 -27.51 4.59
C GLU B 400 -11.01 -26.11 4.81
N ALA B 401 -11.07 -25.69 6.06
CA ALA B 401 -11.61 -24.40 6.47
C ALA B 401 -10.73 -23.28 5.91
N LEU B 402 -9.47 -23.57 5.58
CA LEU B 402 -8.61 -22.50 5.08
C LEU B 402 -9.01 -22.04 3.69
N PHE B 403 -9.76 -22.83 2.93
CA PHE B 403 -10.16 -22.46 1.57
C PHE B 403 -11.40 -21.56 1.62
N SER B 404 -11.22 -20.38 2.16
CA SER B 404 -12.38 -19.52 2.40
C SER B 404 -11.96 -18.10 2.70
N THR B 405 -12.96 -17.23 2.72
CA THR B 405 -12.70 -15.88 3.22
C THR B 405 -12.09 -15.87 4.61
N LEU B 406 -12.60 -16.69 5.53
CA LEU B 406 -12.04 -16.71 6.89
C LEU B 406 -10.61 -17.26 6.80
N GLY B 407 -10.43 -18.30 6.00
CA GLY B 407 -9.13 -18.95 5.92
C GLY B 407 -8.05 -17.99 5.43
N ARG B 408 -8.42 -17.15 4.47
CA ARG B 408 -7.40 -16.25 3.88
C ARG B 408 -7.06 -15.16 4.87
N THR B 409 -8.10 -14.76 5.64
CA THR B 409 -7.87 -13.76 6.69
C THR B 409 -6.93 -14.33 7.73
N ALA B 410 -7.18 -15.61 8.10
CA ALA B 410 -6.33 -16.26 9.08
C ALA B 410 -4.92 -16.42 8.55
N ALA B 411 -4.79 -16.78 7.29
CA ALA B 411 -3.47 -16.94 6.67
C ALA B 411 -2.67 -15.65 6.68
N ARG B 412 -3.33 -14.53 6.48
CA ARG B 412 -2.58 -13.25 6.61
C ARG B 412 -1.99 -13.13 8.02
N GLY B 413 -2.74 -13.48 9.07
CA GLY B 413 -2.13 -13.44 10.40
C GLY B 413 -1.02 -14.45 10.60
N ILE B 414 -1.21 -15.67 10.12
CA ILE B 414 -0.21 -16.72 10.27
C ILE B 414 1.08 -16.23 9.66
N GLU B 415 1.01 -15.70 8.46
CA GLU B 415 2.25 -15.24 7.80
C GLU B 415 2.90 -14.09 8.56
N THR B 416 2.08 -13.20 9.15
CA THR B 416 2.61 -12.09 9.94
C THR B 416 3.38 -12.67 11.13
N ALA B 417 2.81 -13.67 11.80
CA ALA B 417 3.48 -14.20 13.00
C ALA B 417 4.80 -14.88 12.63
N VAL B 418 4.75 -15.65 11.54
CA VAL B 418 5.92 -16.40 11.08
C VAL B 418 6.99 -15.40 10.64
N ILE B 419 6.62 -14.38 9.86
CA ILE B 419 7.66 -13.43 9.41
C ILE B 419 8.20 -12.61 10.59
N ALA B 420 7.32 -12.26 11.53
CA ALA B 420 7.81 -11.49 12.66
C ALA B 420 8.90 -12.28 13.40
N GLU B 421 8.73 -13.59 13.58
CA GLU B 421 9.80 -14.37 14.24
C GLU B 421 11.01 -14.46 13.32
N TYR B 422 10.77 -14.65 12.00
CA TYR B 422 11.93 -14.86 11.12
C TYR B 422 12.77 -13.61 10.99
N VAL B 423 12.21 -12.41 11.14
CA VAL B 423 13.01 -11.18 11.10
C VAL B 423 14.11 -11.24 12.16
N GLY B 424 13.82 -11.85 13.30
CA GLY B 424 14.83 -11.96 14.33
C GLY B 424 15.96 -12.87 13.92
N VAL B 425 15.61 -13.93 13.19
CA VAL B 425 16.64 -14.85 12.68
C VAL B 425 17.50 -14.11 11.66
N MET B 426 16.90 -13.46 10.67
CA MET B 426 17.69 -12.69 9.71
C MET B 426 18.55 -11.64 10.40
N LEU B 427 18.01 -11.01 11.46
CA LEU B 427 18.79 -9.94 12.11
C LEU B 427 20.05 -10.52 12.74
N GLN B 428 19.86 -11.68 13.39
CA GLN B 428 21.01 -12.32 13.99
C GLN B 428 22.04 -12.73 12.93
N GLU B 429 21.57 -13.23 11.78
CA GLU B 429 22.54 -13.62 10.76
C GLU B 429 23.35 -12.43 10.25
N TYR B 430 22.63 -11.30 10.14
CA TYR B 430 23.22 -10.05 9.66
C TYR B 430 24.27 -9.62 10.69
N LYS B 431 23.89 -9.63 11.97
CA LYS B 431 24.85 -9.26 13.01
C LYS B 431 26.09 -10.17 12.98
N ASP B 432 25.82 -11.45 12.79
CA ASP B 432 26.93 -12.41 12.76
C ASP B 432 27.84 -12.11 11.56
N ASN B 433 27.24 -11.74 10.44
CA ASN B 433 28.05 -11.52 9.24
C ASN B 433 28.92 -10.29 9.44
N ILE B 434 28.40 -9.24 10.06
CA ILE B 434 29.22 -8.05 10.32
C ILE B 434 30.38 -8.39 11.24
N ALA B 435 30.07 -9.23 12.25
CA ALA B 435 31.05 -9.60 13.27
C ALA B 435 32.20 -10.40 12.67
N LYS B 436 31.94 -11.05 11.53
CA LYS B 436 33.01 -11.74 10.83
C LYS B 436 33.94 -10.81 10.05
N GLY B 437 33.56 -9.54 10.02
CA GLY B 437 34.39 -8.54 9.35
C GLY B 437 33.90 -8.26 7.95
N ASP B 438 32.73 -8.73 7.54
CA ASP B 438 32.18 -8.34 6.23
C ASP B 438 31.43 -7.03 6.32
N ASN B 439 31.98 -5.92 5.83
CA ASN B 439 31.31 -4.62 5.93
C ASN B 439 30.89 -4.12 4.55
N VAL B 440 30.80 -5.02 3.57
CA VAL B 440 30.52 -4.60 2.19
C VAL B 440 29.03 -4.62 1.92
N ILE B 441 28.51 -3.61 1.25
CA ILE B 441 27.06 -3.50 1.06
C ILE B 441 26.73 -3.22 -0.39
N CYS B 442 27.72 -2.90 -1.25
CA CYS B 442 27.39 -2.67 -2.66
C CYS B 442 28.50 -3.26 -3.53
N ALA B 443 28.11 -3.88 -4.63
CA ALA B 443 29.08 -4.46 -5.57
C ALA B 443 29.09 -3.67 -6.90
N PRO B 444 30.24 -3.63 -7.57
CA PRO B 444 30.31 -2.95 -8.86
C PRO B 444 29.67 -3.81 -9.96
N TRP B 445 29.19 -3.09 -10.99
CA TRP B 445 28.49 -3.73 -12.10
C TRP B 445 28.63 -2.87 -13.34
N GLU B 446 28.29 -3.44 -14.50
CA GLU B 446 28.39 -2.73 -15.78
C GLU B 446 27.07 -2.86 -16.51
N MET B 447 26.59 -1.81 -17.19
CA MET B 447 25.33 -1.91 -17.92
C MET B 447 25.57 -2.58 -19.26
N PRO B 448 24.89 -3.70 -19.55
CA PRO B 448 24.99 -4.29 -20.90
C PRO B 448 24.19 -3.45 -21.88
N LYS B 449 24.53 -3.44 -23.18
CA LYS B 449 23.69 -2.76 -24.17
C LYS B 449 22.40 -3.53 -24.38
N GLN B 450 22.47 -4.87 -24.34
CA GLN B 450 21.30 -5.71 -24.57
C GLN B 450 21.23 -6.77 -23.48
N ALA B 451 20.06 -6.88 -22.88
CA ALA B 451 19.86 -7.88 -21.85
C ALA B 451 18.37 -8.06 -21.59
N GLU B 452 18.10 -9.19 -20.93
CA GLU B 452 16.79 -9.50 -20.37
C GLU B 452 16.95 -9.67 -18.86
N GLY B 453 16.01 -9.22 -18.08
CA GLY B 453 16.07 -9.49 -16.66
C GLY B 453 14.68 -9.67 -16.06
N VAL B 454 14.62 -10.36 -14.93
CA VAL B 454 13.35 -10.48 -14.18
C VAL B 454 13.70 -10.41 -12.69
N GLY B 455 12.84 -9.76 -11.91
CA GLY B 455 12.98 -9.72 -10.46
C GLY B 455 11.70 -10.24 -9.83
N PHE B 456 11.83 -11.08 -8.81
CA PHE B 456 10.69 -11.69 -8.12
C PHE B 456 10.66 -11.27 -6.66
N VAL B 457 9.48 -10.81 -6.24
CA VAL B 457 9.29 -10.49 -4.82
C VAL B 457 8.01 -11.20 -4.39
N ASN B 458 7.99 -11.86 -3.25
CA ASN B 458 6.65 -12.23 -2.75
C ASN B 458 6.28 -11.08 -1.81
N ALA B 459 5.38 -10.21 -2.23
CA ALA B 459 4.98 -9.02 -1.50
C ALA B 459 3.85 -9.38 -0.53
N PRO B 460 3.45 -8.52 0.37
CA PRO B 460 2.33 -8.84 1.28
C PRO B 460 1.08 -9.33 0.56
N ARG B 461 0.88 -8.99 -0.72
CA ARG B 461 -0.33 -9.47 -1.43
C ARG B 461 -0.03 -10.58 -2.41
N GLY B 462 1.24 -11.01 -2.50
CA GLY B 462 1.60 -12.16 -3.31
C GLY B 462 2.72 -11.97 -4.31
N GLY B 463 2.70 -12.80 -5.35
CA GLY B 463 3.83 -12.90 -6.27
C GLY B 463 3.93 -11.69 -7.18
N LEU B 464 4.95 -10.87 -6.98
CA LEU B 464 5.27 -9.70 -7.79
C LEU B 464 6.43 -9.96 -8.73
N SER B 465 6.31 -9.57 -10.01
CA SER B 465 7.47 -9.77 -10.90
C SER B 465 7.60 -8.54 -11.79
N HIS B 466 8.84 -8.07 -11.97
CA HIS B 466 9.18 -6.98 -12.89
C HIS B 466 10.06 -7.58 -13.96
N TRP B 467 9.81 -7.20 -15.19
CA TRP B 467 10.45 -7.82 -16.33
C TRP B 467 11.04 -6.75 -17.23
N ILE B 468 12.35 -6.83 -17.50
CA ILE B 468 12.93 -5.83 -18.40
C ILE B 468 13.58 -6.44 -19.63
N ARG B 469 13.45 -5.68 -20.72
CA ARG B 469 14.23 -5.89 -21.93
C ARG B 469 15.08 -4.64 -22.08
N ILE B 470 16.40 -4.78 -21.99
CA ILE B 470 17.29 -3.65 -22.24
C ILE B 470 17.76 -3.67 -23.69
N GLU B 471 17.69 -2.51 -24.36
CA GLU B 471 18.11 -2.39 -25.75
C GLU B 471 18.90 -1.08 -25.86
N ASP B 472 20.09 -1.05 -26.41
CA ASP B 472 20.96 0.12 -26.45
C ASP B 472 21.16 0.70 -25.05
N GLY B 473 21.17 -0.18 -24.05
CA GLY B 473 21.43 0.23 -22.67
C GLY B 473 20.30 0.99 -22.02
N LYS B 474 19.17 1.02 -22.71
CA LYS B 474 17.96 1.69 -22.18
C LYS B 474 16.79 0.73 -22.03
N ILE B 475 15.72 1.24 -21.42
CA ILE B 475 14.55 0.38 -21.28
C ILE B 475 13.81 0.23 -22.61
N GLY B 476 13.92 -0.97 -23.17
CA GLY B 476 13.16 -1.27 -24.39
C GLY B 476 11.76 -1.73 -24.03
N ASN B 477 11.61 -2.55 -23.02
CA ASN B 477 10.28 -2.93 -22.52
C ASN B 477 10.40 -3.13 -21.03
N PHE B 478 9.38 -2.69 -20.29
CA PHE B 478 9.39 -2.90 -18.85
C PHE B 478 7.95 -3.29 -18.50
N GLN B 479 7.78 -4.48 -17.96
CA GLN B 479 6.42 -4.95 -17.60
C GLN B 479 6.37 -5.33 -16.13
N LEU B 480 5.33 -4.83 -15.45
CA LEU B 480 5.02 -5.26 -14.10
C LEU B 480 3.84 -6.22 -14.14
N VAL B 481 3.92 -7.32 -13.42
CA VAL B 481 2.86 -8.30 -13.25
C VAL B 481 2.74 -8.38 -11.71
N VAL B 482 1.63 -7.85 -11.21
CA VAL B 482 1.60 -7.53 -9.76
C VAL B 482 0.62 -8.45 -9.07
N PRO B 483 0.78 -8.79 -7.79
CA PRO B 483 -0.14 -9.74 -7.13
C PRO B 483 -1.61 -9.39 -7.32
N SER B 484 -2.03 -8.14 -7.13
CA SER B 484 -3.47 -7.85 -7.32
C SER B 484 -3.92 -8.02 -8.77
N THR B 485 -2.95 -7.95 -9.71
CA THR B 485 -3.33 -8.20 -11.10
C THR B 485 -3.78 -9.66 -11.23
N TRP B 486 -3.03 -10.60 -10.63
CA TRP B 486 -3.44 -11.99 -10.61
C TRP B 486 -4.80 -12.19 -9.97
N THR B 487 -4.97 -11.64 -8.76
CA THR B 487 -6.12 -11.97 -7.92
C THR B 487 -7.38 -11.24 -8.32
N LEU B 488 -7.25 -9.95 -8.70
CA LEU B 488 -8.38 -9.09 -8.98
C LEU B 488 -8.50 -8.66 -10.45
N GLY B 489 -7.61 -9.13 -11.35
CA GLY B 489 -7.77 -8.82 -12.75
C GLY B 489 -9.05 -9.47 -13.24
N PRO B 490 -9.49 -9.15 -14.44
CA PRO B 490 -10.75 -9.66 -14.99
C PRO B 490 -10.58 -11.05 -15.57
N ARG B 491 -11.62 -11.49 -16.30
CA ARG B 491 -11.63 -12.71 -17.07
C ARG B 491 -10.58 -12.64 -18.18
N CYS B 492 -10.21 -13.84 -18.63
CA CYS B 492 -9.24 -13.98 -19.72
C CYS B 492 -9.94 -14.34 -21.02
N ASP B 493 -9.14 -14.63 -22.07
CA ASP B 493 -9.81 -14.92 -23.33
C ASP B 493 -10.42 -16.33 -23.35
N LYS B 494 -10.37 -17.08 -22.25
CA LYS B 494 -11.11 -18.34 -22.14
C LYS B 494 -12.33 -18.11 -21.23
N ASN B 495 -12.53 -16.85 -20.87
CA ASN B 495 -13.67 -16.39 -20.09
C ASN B 495 -13.64 -16.96 -18.68
N LYS B 496 -12.47 -17.36 -18.18
CA LYS B 496 -12.39 -17.89 -16.82
C LYS B 496 -12.41 -16.71 -15.83
N LEU B 497 -13.28 -16.82 -14.85
CA LEU B 497 -13.37 -15.84 -13.79
C LEU B 497 -12.05 -15.80 -13.04
N SER B 498 -11.70 -14.56 -12.69
CA SER B 498 -10.51 -14.40 -11.84
C SER B 498 -10.76 -14.83 -10.40
N PRO B 499 -9.73 -15.01 -9.59
CA PRO B 499 -9.94 -15.49 -8.20
C PRO B 499 -10.97 -14.68 -7.44
N VAL B 500 -10.90 -13.34 -7.50
CA VAL B 500 -11.89 -12.58 -6.71
C VAL B 500 -13.30 -12.78 -7.25
N GLU B 501 -13.46 -12.82 -8.57
CA GLU B 501 -14.80 -12.99 -9.17
C GLU B 501 -15.41 -14.32 -8.76
N ALA B 502 -14.58 -15.38 -8.96
CA ALA B 502 -15.05 -16.74 -8.64
C ALA B 502 -15.36 -16.88 -7.16
N SER B 503 -14.53 -16.27 -6.33
CA SER B 503 -14.70 -16.41 -4.86
C SER B 503 -16.01 -15.75 -4.40
N LEU B 504 -16.53 -14.79 -5.17
CA LEU B 504 -17.73 -14.09 -4.75
C LEU B 504 -18.98 -14.90 -5.07
N ILE B 505 -18.90 -15.88 -5.96
CA ILE B 505 -20.10 -16.69 -6.23
C ILE B 505 -20.54 -17.43 -4.96
N GLY B 506 -21.81 -17.36 -4.58
CA GLY B 506 -22.39 -17.97 -3.41
C GLY B 506 -22.38 -17.08 -2.18
N THR B 507 -21.85 -15.86 -2.30
CA THR B 507 -21.88 -14.98 -1.14
C THR B 507 -23.32 -14.66 -0.76
N PRO B 508 -23.71 -14.86 0.49
CA PRO B 508 -25.05 -14.40 0.92
C PRO B 508 -25.06 -12.88 1.07
N VAL B 509 -26.19 -12.26 0.79
CA VAL B 509 -26.33 -10.83 1.02
C VAL B 509 -27.61 -10.60 1.78
N ALA B 510 -27.50 -10.34 3.08
CA ALA B 510 -28.64 -10.14 3.96
C ALA B 510 -29.38 -8.87 3.59
N ASP B 511 -28.67 -7.80 3.26
CA ASP B 511 -29.20 -6.47 2.98
C ASP B 511 -28.47 -5.84 1.80
N ALA B 512 -29.12 -5.82 0.61
CA ALA B 512 -28.47 -5.31 -0.59
C ALA B 512 -28.04 -3.85 -0.51
N LYS B 513 -28.64 -3.02 0.35
CA LYS B 513 -28.21 -1.64 0.52
C LYS B 513 -26.92 -1.51 1.32
N ARG B 514 -26.57 -2.56 2.05
CA ARG B 514 -25.40 -2.60 2.93
C ARG B 514 -24.68 -3.93 2.76
N PRO B 515 -24.09 -4.19 1.61
CA PRO B 515 -23.58 -5.54 1.29
C PRO B 515 -22.20 -5.86 1.88
N VAL B 516 -22.17 -5.87 3.21
CA VAL B 516 -20.92 -6.11 3.93
C VAL B 516 -20.34 -7.48 3.59
N GLU B 517 -21.15 -8.48 3.26
CA GLU B 517 -20.61 -9.80 2.94
C GLU B 517 -19.72 -9.75 1.72
N ILE B 518 -20.10 -8.92 0.70
CA ILE B 518 -19.22 -8.76 -0.45
C ILE B 518 -17.90 -8.16 -0.03
N LEU B 519 -17.94 -7.15 0.84
CA LEU B 519 -16.73 -6.48 1.30
C LEU B 519 -15.88 -7.46 2.07
N ARG B 520 -16.48 -8.33 2.89
CA ARG B 520 -15.64 -9.26 3.65
C ARG B 520 -14.78 -10.10 2.73
N THR B 521 -15.40 -10.66 1.68
CA THR B 521 -14.58 -11.45 0.76
C THR B 521 -13.60 -10.60 -0.01
N VAL B 522 -14.03 -9.48 -0.58
CA VAL B 522 -13.12 -8.66 -1.40
C VAL B 522 -11.96 -8.21 -0.51
N HIS B 523 -12.25 -7.71 0.69
CA HIS B 523 -11.18 -7.23 1.55
C HIS B 523 -10.23 -8.35 1.98
N SER B 524 -10.73 -9.58 2.06
CA SER B 524 -9.85 -10.68 2.50
C SER B 524 -8.69 -10.88 1.55
N PHE B 525 -8.82 -10.50 0.28
CA PHE B 525 -7.71 -10.54 -0.68
C PHE B 525 -6.77 -9.35 -0.57
N ASP B 526 -7.15 -8.34 0.19
CA ASP B 526 -6.31 -7.15 0.43
C ASP B 526 -6.02 -6.48 -0.91
N PRO B 527 -7.03 -6.04 -1.65
CA PRO B 527 -6.82 -5.49 -3.00
C PRO B 527 -5.97 -4.25 -3.04
N CSO B 528 -5.12 -4.14 -4.08
CA CSO B 528 -4.27 -2.95 -4.25
CB CSO B 528 -2.84 -3.29 -3.82
SG CSO B 528 -1.91 -1.81 -3.41
C CSO B 528 -4.41 -2.56 -5.72
O CSO B 528 -3.79 -3.23 -6.55
OD CSO B 528 -2.15 -0.83 -4.70
N ILE B 529 -5.24 -1.61 -6.03
CA ILE B 529 -5.61 -1.40 -7.46
C ILE B 529 -4.56 -0.59 -8.19
N ALA B 530 -3.83 0.28 -7.49
CA ALA B 530 -2.70 1.02 -8.07
C ALA B 530 -1.65 -0.02 -8.48
N CYS B 531 -1.45 -1.00 -7.61
CA CYS B 531 -0.61 -2.16 -7.93
C CYS B 531 -1.14 -2.94 -9.11
N GLY B 532 -2.43 -3.32 -9.09
CA GLY B 532 -2.91 -4.23 -10.12
C GLY B 532 -2.82 -3.65 -11.52
N VAL B 533 -3.05 -2.32 -11.62
CA VAL B 533 -3.12 -1.66 -12.93
C VAL B 533 -1.86 -0.95 -13.35
N HIS B 534 -1.19 -0.22 -12.40
CA HIS B 534 0.03 0.55 -12.67
C HIS B 534 -0.11 1.37 -13.96
FE1 SF4 C . 2.28 8.45 -4.60
FE2 SF4 C . 1.91 10.68 -5.97
FE3 SF4 C . 4.21 10.25 -4.80
FE4 SF4 C . 2.04 10.80 -3.24
S1 SF4 C . 3.05 12.23 -4.69
S2 SF4 C . 3.65 9.22 -2.89
S3 SF4 C . 0.39 9.80 -4.52
S4 SF4 C . 3.32 8.97 -6.52
FE1 SF4 D . 24.20 18.65 -1.36
FE2 SF4 D . 23.40 16.16 -1.95
FE3 SF4 D . 24.20 16.82 0.52
FE4 SF4 D . 26.06 16.70 -1.47
S1 SF4 D . 24.86 14.95 -0.60
S2 SF4 D . 25.91 18.28 0.14
S3 SF4 D . 24.76 17.46 -3.25
S4 SF4 D . 22.31 17.64 -0.61
FE1 F3S E . 14.99 14.60 -1.80
FE3 F3S E . 13.57 14.85 0.47
FE4 F3S E . 12.43 13.81 -1.72
S1 F3S E . 15.70 14.21 0.26
S2 F3S E . 14.10 12.78 -2.84
S3 F3S E . 13.19 15.97 -1.50
S4 F3S E . 12.11 13.15 0.39
C1 MPD F . 28.07 27.20 5.15
C2 MPD F . 29.32 26.83 4.39
O2 MPD F . 28.90 25.95 3.30
CM MPD F . 30.02 28.00 3.80
C3 MPD F . 30.27 25.98 5.25
C4 MPD F . 29.58 24.91 6.06
O4 MPD F . 28.95 23.95 5.21
C5 MPD F . 30.57 24.15 6.93
C1 MPD G . 0.16 24.73 -8.94
C2 MPD G . 0.94 25.91 -9.45
O2 MPD G . 0.58 26.98 -8.55
CM MPD G . 2.41 25.61 -9.41
C3 MPD G . 0.59 26.34 -10.87
C4 MPD G . -0.84 26.60 -11.26
O4 MPD G . -1.33 27.81 -10.73
C5 MPD G . -0.93 26.69 -12.78
C1 MPD H . 29.43 7.96 7.54
C2 MPD H . 28.20 7.27 7.02
O2 MPD H . 28.46 7.04 5.60
CM MPD H . 28.02 5.95 7.72
C3 MPD H . 26.95 8.13 7.02
C4 MPD H . 26.20 8.59 8.24
O4 MPD H . 26.91 9.56 8.98
C5 MPD H . 24.89 9.29 7.88
MG MG I . 1.69 -4.79 -16.13
NI NFR J . 0.20 -2.15 -3.32
FE NFR J . 1.21 -4.38 -4.06
C3 NFR J . 2.58 -5.23 -4.86
C2 NFR J . 1.40 -5.58 -2.49
O3 NFR J . 3.35 -5.86 -5.38
N2 NFR J . 1.65 -6.36 -1.70
O1 NFR J . -1.10 -6.12 -5.28
C1 NFR J . -0.24 -5.53 -4.90
C1 MRD K . -4.50 -29.12 3.15
C2 MRD K . -3.42 -28.06 3.31
O2 MRD K . -2.19 -28.78 3.54
CM MRD K . -3.28 -27.23 2.09
C3 MRD K . -3.68 -27.13 4.52
C4 MRD K . -3.46 -27.74 5.88
O4 MRD K . -3.64 -29.10 6.00
C5 MRD K . -3.80 -26.96 7.10
#